data_6BHV
#
_entry.id   6BHV
#
_cell.length_a   44.510
_cell.length_b   75.356
_cell.length_c   85.607
_cell.angle_alpha   98.66
_cell.angle_beta   104.94
_cell.angle_gamma   106.73
#
_symmetry.space_group_name_H-M   'P 1'
#
loop_
_entity.id
_entity.type
_entity.pdbx_description
1 polymer 'Poly [ADP-ribose] polymerase 1'
2 non-polymer '[(2R,3S,4R,5R)-5-(6-amino-9H-purin-9-yl)-3,4-dihydroxytetrahydrofuran-2-yl]methyl [(2R,3S,4R,5S)-5-(3-carbamoylphenyl)-3,4-dihydroxytetrahydrofuran-2-yl]methyl dihydrogen diphosphate (non-preferred name)'
3 water water
#
_entity_poly.entity_id   1
_entity_poly.type   'polypeptide(L)'
_entity_poly.pdbx_seq_one_letter_code
;MGSSHHHHHHSSGLVPRGSHMTKSKLPKPVQDLIKMIFGSGSGSGGDPIDVNYEKLKTDIKVVDRDSEEAEIIRKYVKNT
HATTHNAYDLEVIDIFKIEREGECQRYKPFKQLHNRRLLWHGSRTTNFAGILSQGLRIAPPEAPVTGYMFGKGIYFADMV
SKSANYCHTSQGDPIGLILLGEVALGNMYELKHASHISKLPKGKHSVKGLGKTTPDPSANISLDGVDVPLGTGISSGVND
TSLLYNEYIVYDIAQVNLKYLLKLKFNFKTS
;
_entity_poly.pdbx_strand_id   A,B,C,D
#
loop_
_chem_comp.id
_chem_comp.type
_chem_comp.name
_chem_comp.formula
DQV non-polymer '[(2R,3S,4R,5R)-5-(6-amino-9H-purin-9-yl)-3,4-dihydroxytetrahydrofuran-2-yl]methyl [(2R,3S,4R,5S)-5-(3-carbamoylphenyl)-3,4-dihydroxytetrahydrofuran-2-yl]methyl dihydrogen diphosphate (non-preferred name)' 'C22 H28 N6 O14 P2'
#
# COMPACT_ATOMS: atom_id res chain seq x y z
N SER A 24 33.84 12.21 1.09
CA SER A 24 33.35 12.74 -0.22
C SER A 24 33.42 14.28 -0.31
N LYS A 25 34.08 14.76 -1.35
CA LYS A 25 34.17 16.18 -1.72
C LYS A 25 32.86 16.87 -2.12
N LEU A 26 31.86 16.11 -2.55
CA LEU A 26 30.66 16.66 -3.18
C LEU A 26 29.71 17.29 -2.16
N PRO A 27 28.94 18.34 -2.56
CA PRO A 27 27.90 18.90 -1.67
C PRO A 27 26.85 17.86 -1.25
N LYS A 28 26.25 18.05 -0.07
CA LYS A 28 25.36 17.01 0.51
C LYS A 28 24.10 16.72 -0.32
N PRO A 29 23.48 17.75 -0.94
CA PRO A 29 22.35 17.48 -1.86
C PRO A 29 22.73 16.57 -3.05
N VAL A 30 23.93 16.77 -3.60
CA VAL A 30 24.46 15.88 -4.64
C VAL A 30 24.70 14.47 -4.12
N GLN A 31 25.23 14.34 -2.90
CA GLN A 31 25.41 13.04 -2.25
C GLN A 31 24.07 12.34 -2.02
N ASP A 32 23.10 13.10 -1.50
CA ASP A 32 21.73 12.61 -1.31
C ASP A 32 21.18 12.07 -2.66
N LEU A 33 21.38 12.84 -3.73
CA LEU A 33 20.96 12.44 -5.10
C LEU A 33 21.59 11.13 -5.58
N ILE A 34 22.89 10.96 -5.32
CA ILE A 34 23.62 9.75 -5.75
C ILE A 34 23.10 8.49 -5.04
N LYS A 35 22.81 8.59 -3.74
CA LYS A 35 22.25 7.47 -2.99
C LYS A 35 20.86 7.06 -3.52
N MET A 36 20.05 8.07 -3.84
CA MET A 36 18.73 7.85 -4.39
C MET A 36 18.78 7.17 -5.77
N ILE A 37 19.71 7.62 -6.62
CA ILE A 37 19.89 7.05 -7.96
C ILE A 37 20.38 5.60 -7.93
N PHE A 38 21.32 5.28 -7.03
CA PHE A 38 21.86 3.94 -6.93
C PHE A 38 21.24 3.11 -5.79
N GLY A 39 20.73 1.93 -6.18
CA GLY A 39 20.29 0.89 -5.25
C GLY A 39 20.39 -0.50 -5.88
N PRO A 48 29.63 2.97 -3.16
CA PRO A 48 30.40 4.10 -2.62
C PRO A 48 30.20 5.38 -3.45
N ILE A 49 30.03 6.53 -2.78
CA ILE A 49 29.48 7.75 -3.38
C ILE A 49 30.29 8.30 -4.57
N ASP A 50 31.58 8.57 -4.36
CA ASP A 50 32.40 9.20 -5.39
C ASP A 50 32.61 8.32 -6.63
N VAL A 51 32.67 7.00 -6.44
CA VAL A 51 32.81 6.07 -7.58
C VAL A 51 31.51 6.00 -8.38
N ASN A 52 30.36 6.07 -7.70
CA ASN A 52 29.06 6.09 -8.37
C ASN A 52 28.80 7.42 -9.11
N TYR A 53 29.23 8.54 -8.53
CA TYR A 53 29.20 9.85 -9.23
C TYR A 53 29.99 9.85 -10.53
N GLU A 54 31.19 9.24 -10.50
CA GLU A 54 32.02 9.04 -11.70
C GLU A 54 31.31 8.20 -12.78
N LYS A 55 30.52 7.19 -12.38
CA LYS A 55 29.75 6.37 -13.35
C LYS A 55 28.69 7.15 -14.14
N LEU A 56 28.20 8.25 -13.58
CA LEU A 56 27.22 9.09 -14.27
C LEU A 56 27.80 9.87 -15.46
N LYS A 57 29.12 10.09 -15.47
CA LYS A 57 29.79 10.85 -16.55
C LYS A 57 29.14 12.24 -16.76
N THR A 58 28.69 12.83 -15.65
CA THR A 58 27.90 14.06 -15.67
C THR A 58 28.51 15.00 -14.63
N ASP A 59 28.57 16.30 -14.93
CA ASP A 59 28.94 17.29 -13.94
C ASP A 59 27.65 17.81 -13.31
N ILE A 60 27.51 17.65 -12.00
CA ILE A 60 26.28 18.01 -11.30
C ILE A 60 26.56 19.12 -10.30
N LYS A 61 26.09 20.33 -10.60
CA LYS A 61 26.17 21.46 -9.65
C LYS A 61 24.80 21.66 -9.01
N VAL A 62 24.79 22.20 -7.79
CA VAL A 62 23.56 22.61 -7.12
C VAL A 62 23.26 24.02 -7.57
N VAL A 63 22.04 24.25 -8.09
CA VAL A 63 21.63 25.60 -8.48
C VAL A 63 21.29 26.35 -7.19
N ASP A 64 21.76 27.59 -7.08
CA ASP A 64 21.54 28.39 -5.88
C ASP A 64 20.05 28.74 -5.74
N ARG A 65 19.50 28.50 -4.55
CA ARG A 65 18.07 28.77 -4.26
C ARG A 65 17.62 30.22 -4.48
N ASP A 66 18.49 31.19 -4.25
CA ASP A 66 18.17 32.61 -4.52
C ASP A 66 18.42 33.13 -5.95
N SER A 67 19.04 32.31 -6.80
CA SER A 67 19.40 32.75 -8.17
C SER A 67 18.15 32.97 -9.06
N GLU A 68 18.36 33.69 -10.17
CA GLU A 68 17.31 33.86 -11.18
C GLU A 68 16.88 32.55 -11.81
N GLU A 69 17.84 31.66 -12.10
CA GLU A 69 17.54 30.30 -12.63
C GLU A 69 16.55 29.53 -11.75
N ALA A 70 16.82 29.54 -10.45
CA ALA A 70 15.98 28.82 -9.48
C ALA A 70 14.57 29.44 -9.41
N GLU A 71 14.50 30.77 -9.43
CA GLU A 71 13.20 31.46 -9.42
C GLU A 71 12.40 31.09 -10.66
N ILE A 72 13.06 31.06 -11.81
CA ILE A 72 12.43 30.69 -13.08
C ILE A 72 11.92 29.26 -13.04
N ILE A 73 12.78 28.34 -12.57
CA ILE A 73 12.45 26.93 -12.51
C ILE A 73 11.27 26.68 -11.56
N ARG A 74 11.28 27.29 -10.39
CA ARG A 74 10.16 27.16 -9.45
C ARG A 74 8.85 27.72 -10.01
N LYS A 75 8.93 28.84 -10.74
CA LYS A 75 7.75 29.42 -11.39
C LYS A 75 7.16 28.45 -12.43
N TYR A 76 8.04 27.81 -13.20
CA TYR A 76 7.65 26.81 -14.20
C TYR A 76 6.93 25.62 -13.54
N VAL A 77 7.40 25.19 -12.37
CA VAL A 77 6.77 24.10 -11.63
C VAL A 77 5.42 24.53 -11.06
N LYS A 78 5.37 25.72 -10.48
CA LYS A 78 4.13 26.22 -9.89
C LYS A 78 3.03 26.49 -10.94
N ASN A 79 3.39 27.17 -12.02
CA ASN A 79 2.41 27.59 -13.02
C ASN A 79 1.86 26.49 -13.94
N THR A 80 2.63 25.43 -14.17
CA THR A 80 2.24 24.43 -15.14
C THR A 80 1.79 23.13 -14.47
N HIS A 81 1.36 23.22 -13.22
CA HIS A 81 0.72 22.09 -12.57
C HIS A 81 -0.77 22.13 -12.90
N ALA A 82 -1.24 21.12 -13.63
CA ALA A 82 -2.59 21.10 -14.19
C ALA A 82 -3.67 20.70 -13.21
N THR A 83 -4.90 21.05 -13.58
CA THR A 83 -6.11 20.82 -12.76
C THR A 83 -6.65 19.36 -12.80
N THR A 84 -6.43 18.64 -13.91
CA THR A 84 -6.70 17.19 -13.99
C THR A 84 -5.87 16.39 -12.97
N HIS A 85 -4.63 16.83 -12.72
CA HIS A 85 -3.65 16.09 -11.90
C HIS A 85 -3.59 16.58 -10.45
N ASN A 86 -4.76 16.82 -9.87
CA ASN A 86 -4.87 17.41 -8.52
C ASN A 86 -4.83 16.40 -7.36
N ALA A 87 -4.42 15.18 -7.64
CA ALA A 87 -4.02 14.19 -6.62
C ALA A 87 -2.87 14.59 -5.67
N TYR A 88 -2.02 15.48 -6.14
CA TYR A 88 -0.83 15.89 -5.37
C TYR A 88 -0.38 17.30 -5.71
N ASP A 89 0.37 17.90 -4.80
CA ASP A 89 1.12 19.14 -5.06
C ASP A 89 2.60 18.79 -5.19
N LEU A 90 3.34 19.68 -5.82
CA LEU A 90 4.77 19.49 -6.02
C LEU A 90 5.57 20.53 -5.26
N GLU A 91 6.62 20.07 -4.58
CA GLU A 91 7.56 20.93 -3.90
C GLU A 91 8.94 20.63 -4.46
N VAL A 92 9.63 21.65 -4.94
CA VAL A 92 11.01 21.49 -5.39
C VAL A 92 11.90 21.41 -4.15
N ILE A 93 12.64 20.29 -4.04
CA ILE A 93 13.59 20.12 -2.96
C ILE A 93 14.96 20.70 -3.37
N ASP A 94 15.55 20.15 -4.43
CA ASP A 94 16.85 20.57 -4.95
C ASP A 94 16.81 20.68 -6.47
N ILE A 95 17.55 21.65 -6.99
CA ILE A 95 17.65 21.89 -8.42
C ILE A 95 19.11 21.68 -8.77
N PHE A 96 19.38 20.74 -9.68
CA PHE A 96 20.74 20.42 -10.10
C PHE A 96 20.96 20.81 -11.54
N LYS A 97 22.04 21.54 -11.81
CA LYS A 97 22.44 21.84 -13.18
C LYS A 97 23.31 20.69 -13.61
N ILE A 98 23.00 20.11 -14.78
CA ILE A 98 23.69 18.92 -15.24
C ILE A 98 24.27 19.15 -16.63
N GLU A 99 25.49 18.69 -16.82
CA GLU A 99 26.16 18.72 -18.11
C GLU A 99 26.77 17.33 -18.28
N ARG A 100 26.11 16.53 -19.12
CA ARG A 100 26.62 15.22 -19.49
C ARG A 100 27.82 15.39 -20.39
N GLU A 101 28.78 14.47 -20.25
CA GLU A 101 30.02 14.52 -20.99
C GLU A 101 29.75 14.24 -22.46
N GLY A 102 30.30 15.09 -23.33
CA GLY A 102 30.11 14.98 -24.78
C GLY A 102 28.76 15.38 -25.35
N GLU A 103 27.77 15.69 -24.49
CA GLU A 103 26.42 16.02 -24.99
C GLU A 103 26.37 17.37 -25.68
N CYS A 104 27.10 18.35 -25.15
CA CYS A 104 27.21 19.68 -25.79
C CYS A 104 27.75 19.57 -27.22
N GLN A 105 28.75 18.71 -27.42
CA GLN A 105 29.31 18.44 -28.76
C GLN A 105 28.32 17.71 -29.66
N ARG A 106 27.63 16.71 -29.13
CA ARG A 106 26.60 15.98 -29.86
C ARG A 106 25.44 16.89 -30.32
N TYR A 107 25.04 17.81 -29.44
CA TYR A 107 23.96 18.77 -29.68
C TYR A 107 24.34 19.95 -30.57
N LYS A 108 25.64 20.15 -30.81
CA LYS A 108 26.15 21.32 -31.56
C LYS A 108 25.45 21.61 -32.88
N PRO A 109 25.18 20.57 -33.71
CA PRO A 109 24.43 20.82 -34.97
C PRO A 109 23.04 21.43 -34.78
N PHE A 110 22.35 21.03 -33.71
CA PHE A 110 20.99 21.51 -33.44
C PHE A 110 20.94 22.80 -32.62
N LYS A 111 22.06 23.25 -32.05
CA LYS A 111 22.06 24.48 -31.23
C LYS A 111 21.74 25.75 -32.02
N GLN A 112 22.03 25.76 -33.31
CA GLN A 112 21.66 26.88 -34.19
C GLN A 112 20.22 26.74 -34.72
N LEU A 113 19.57 25.59 -34.51
CA LEU A 113 18.20 25.37 -34.98
C LEU A 113 17.21 26.25 -34.20
N HIS A 114 16.17 26.73 -34.88
CA HIS A 114 15.17 27.61 -34.27
C HIS A 114 14.19 26.78 -33.44
N ASN A 115 13.42 27.47 -32.59
CA ASN A 115 12.41 26.84 -31.75
C ASN A 115 13.04 25.78 -30.80
N ARG A 116 14.00 26.22 -30.00
CA ARG A 116 14.55 25.42 -28.93
C ARG A 116 13.75 25.73 -27.67
N ARG A 117 13.37 24.70 -26.92
CA ARG A 117 12.49 24.86 -25.77
C ARG A 117 12.97 24.05 -24.59
N LEU A 118 12.74 24.58 -23.40
CA LEU A 118 13.07 23.90 -22.15
C LEU A 118 11.82 23.16 -21.70
N LEU A 119 11.88 21.84 -21.70
CA LEU A 119 10.70 21.02 -21.49
C LEU A 119 10.99 19.89 -20.49
N TRP A 120 9.90 19.34 -19.92
CA TRP A 120 9.95 18.34 -18.88
C TRP A 120 10.02 16.94 -19.43
N HIS A 121 10.77 16.07 -18.75
CA HIS A 121 10.72 14.63 -18.96
C HIS A 121 10.83 13.89 -17.63
N GLY A 122 9.77 13.17 -17.28
CA GLY A 122 9.73 12.42 -16.05
C GLY A 122 10.04 10.98 -16.35
N SER A 123 10.60 10.30 -15.35
CA SER A 123 10.90 8.87 -15.44
C SER A 123 11.05 8.29 -14.02
N ARG A 124 10.98 6.97 -13.95
CA ARG A 124 11.26 6.25 -12.71
C ARG A 124 12.66 6.56 -12.20
N THR A 125 12.79 6.70 -10.88
CA THR A 125 14.09 6.93 -10.24
C THR A 125 15.13 5.87 -10.64
N THR A 126 14.69 4.62 -10.78
CA THR A 126 15.58 3.54 -11.22
C THR A 126 16.21 3.71 -12.62
N ASN A 127 15.57 4.49 -13.49
CA ASN A 127 16.14 4.75 -14.83
C ASN A 127 17.21 5.83 -14.87
N PHE A 128 17.38 6.60 -13.78
CA PHE A 128 18.26 7.78 -13.86
C PHE A 128 19.75 7.54 -13.92
N ALA A 129 20.23 6.37 -13.48
CA ALA A 129 21.63 5.99 -13.70
C ALA A 129 21.90 5.86 -15.21
N GLY A 130 21.07 5.10 -15.91
CA GLY A 130 21.19 4.98 -17.36
C GLY A 130 20.99 6.30 -18.07
N ILE A 131 19.97 7.05 -17.68
CA ILE A 131 19.67 8.33 -18.33
C ILE A 131 20.83 9.31 -18.27
N LEU A 132 21.46 9.48 -17.09
CA LEU A 132 22.54 10.47 -16.96
C LEU A 132 23.85 10.03 -17.61
N SER A 133 24.14 8.73 -17.57
CA SER A 133 25.37 8.19 -18.20
C SER A 133 25.23 8.09 -19.73
N GLN A 134 24.07 7.64 -20.21
CA GLN A 134 23.83 7.40 -21.64
C GLN A 134 23.03 8.49 -22.37
N GLY A 135 22.35 9.37 -21.63
CA GLY A 135 21.41 10.32 -22.24
C GLY A 135 20.03 9.72 -22.44
N LEU A 136 19.03 10.56 -22.72
CA LEU A 136 17.72 10.05 -23.09
C LEU A 136 17.81 9.30 -24.41
N ARG A 137 17.35 8.06 -24.41
CA ARG A 137 17.32 7.23 -25.59
C ARG A 137 15.91 6.93 -26.03
N ILE A 138 15.78 6.53 -27.29
CA ILE A 138 14.52 6.12 -27.87
C ILE A 138 14.38 4.66 -27.49
N ALA A 139 13.18 4.26 -27.06
CA ALA A 139 13.01 2.93 -26.52
C ALA A 139 13.42 1.88 -27.55
N PRO A 140 13.95 0.72 -27.09
CA PRO A 140 14.55 -0.21 -28.05
C PRO A 140 13.53 -0.78 -29.05
N PRO A 141 13.99 -1.38 -30.18
CA PRO A 141 13.09 -2.07 -31.12
C PRO A 141 12.15 -3.09 -30.48
N GLU A 142 12.60 -3.75 -29.41
CA GLU A 142 11.84 -4.76 -28.69
C GLU A 142 10.63 -4.21 -27.90
N ALA A 143 10.64 -2.93 -27.53
CA ALA A 143 9.50 -2.31 -26.83
C ALA A 143 8.27 -2.20 -27.74
N PRO A 144 7.04 -2.23 -27.16
CA PRO A 144 5.86 -2.34 -28.02
C PRO A 144 5.46 -1.01 -28.66
N VAL A 145 5.23 -1.03 -29.97
CA VAL A 145 4.89 0.20 -30.73
C VAL A 145 3.47 0.72 -30.43
N THR A 146 2.58 -0.14 -29.96
CA THR A 146 1.21 0.21 -29.61
C THR A 146 0.98 1.15 -28.39
N GLY A 147 1.91 1.24 -27.44
CA GLY A 147 1.76 2.10 -26.26
C GLY A 147 2.22 3.55 -26.40
N TYR A 148 2.27 4.03 -27.64
CA TYR A 148 2.82 5.32 -28.01
C TYR A 148 1.78 6.16 -28.71
N MET A 149 1.65 7.38 -28.25
CA MET A 149 0.74 8.35 -28.87
C MET A 149 1.25 8.76 -30.28
N PHE A 150 2.57 8.94 -30.43
CA PHE A 150 3.18 9.47 -31.65
C PHE A 150 4.49 8.76 -32.03
N GLY A 151 4.49 7.43 -31.93
CA GLY A 151 5.64 6.60 -32.30
C GLY A 151 6.76 6.57 -31.30
N LYS A 152 7.82 5.84 -31.65
CA LYS A 152 8.99 5.73 -30.81
C LYS A 152 9.88 6.96 -30.96
N GLY A 153 9.72 7.87 -30.01
CA GLY A 153 10.61 9.02 -29.90
C GLY A 153 10.91 9.28 -28.44
N ILE A 154 11.42 10.48 -28.17
CA ILE A 154 11.66 10.95 -26.82
C ILE A 154 10.57 11.99 -26.56
N TYR A 155 9.76 11.73 -25.53
CA TYR A 155 8.59 12.55 -25.22
C TYR A 155 8.88 13.56 -24.12
N PHE A 156 8.35 14.78 -24.34
CA PHE A 156 8.44 15.90 -23.42
C PHE A 156 7.08 16.55 -23.25
N ALA A 157 6.93 17.27 -22.13
CA ALA A 157 5.75 18.08 -21.84
C ALA A 157 6.16 19.50 -21.45
N ASP A 158 5.22 20.44 -21.64
CA ASP A 158 5.35 21.78 -21.09
C ASP A 158 4.58 21.94 -19.77
N MET A 159 3.81 20.93 -19.38
CA MET A 159 3.10 20.91 -18.12
C MET A 159 3.84 19.96 -17.16
N VAL A 160 4.32 20.49 -16.04
CA VAL A 160 5.11 19.67 -15.11
C VAL A 160 4.34 18.44 -14.60
N SER A 161 3.06 18.61 -14.34
CA SER A 161 2.25 17.52 -13.81
C SER A 161 2.07 16.37 -14.80
N LYS A 162 2.11 16.66 -16.10
CA LYS A 162 2.04 15.62 -17.13
C LYS A 162 3.25 14.72 -17.06
N SER A 163 4.44 15.30 -17.03
CA SER A 163 5.68 14.54 -16.93
C SER A 163 5.87 13.92 -15.53
N ALA A 164 5.45 14.64 -14.49
CA ALA A 164 5.59 14.16 -13.13
C ALA A 164 4.88 12.84 -12.90
N ASN A 165 3.77 12.59 -13.59
CA ASN A 165 3.09 11.30 -13.49
C ASN A 165 4.00 10.15 -13.90
N TYR A 166 4.92 10.40 -14.83
CA TYR A 166 5.87 9.37 -15.29
C TYR A 166 7.03 9.06 -14.32
N CYS A 167 7.08 9.79 -13.19
CA CYS A 167 7.96 9.43 -12.07
C CYS A 167 7.51 8.19 -11.35
N HIS A 168 6.21 7.88 -11.41
CA HIS A 168 5.63 6.72 -10.72
C HIS A 168 5.98 6.72 -9.21
N THR A 169 5.86 7.88 -8.56
CA THR A 169 6.04 7.99 -7.12
C THR A 169 4.77 7.53 -6.42
N SER A 170 4.84 7.31 -5.11
CA SER A 170 3.70 6.77 -4.34
C SER A 170 3.68 7.35 -2.92
N GLN A 171 2.65 7.02 -2.15
CA GLN A 171 2.56 7.55 -0.76
C GLN A 171 3.80 7.08 0.02
N GLY A 172 4.15 5.80 -0.09
CA GLY A 172 5.35 5.24 0.55
C GLY A 172 6.70 5.56 -0.05
N ASP A 173 6.72 6.27 -1.18
CA ASP A 173 7.96 6.67 -1.86
C ASP A 173 7.70 8.00 -2.60
N PRO A 174 7.59 9.11 -1.85
CA PRO A 174 7.04 10.32 -2.42
C PRO A 174 8.05 11.31 -3.03
N ILE A 175 9.29 10.89 -3.30
CA ILE A 175 10.30 11.75 -3.90
C ILE A 175 10.61 11.21 -5.30
N GLY A 176 10.51 12.09 -6.29
CA GLY A 176 10.78 11.73 -7.67
C GLY A 176 11.82 12.61 -8.29
N LEU A 177 12.34 12.17 -9.43
CA LEU A 177 13.27 12.94 -10.23
C LEU A 177 12.64 13.28 -11.59
N ILE A 178 12.93 14.48 -12.06
CA ILE A 178 12.38 14.98 -13.31
C ILE A 178 13.41 15.88 -14.00
N LEU A 179 13.51 15.75 -15.31
CA LEU A 179 14.48 16.47 -16.11
C LEU A 179 13.88 17.69 -16.74
N LEU A 180 14.72 18.70 -16.95
CA LEU A 180 14.44 19.78 -17.88
C LEU A 180 15.44 19.65 -18.99
N GLY A 181 14.95 19.40 -20.20
CA GLY A 181 15.79 19.29 -21.38
C GLY A 181 15.63 20.52 -22.28
N GLU A 182 16.75 20.99 -22.83
CA GLU A 182 16.71 21.86 -24.00
C GLU A 182 16.44 20.92 -25.19
N VAL A 183 15.32 21.13 -25.87
CA VAL A 183 14.89 20.28 -27.01
C VAL A 183 14.83 21.17 -28.24
N ALA A 184 15.61 20.82 -29.26
CA ALA A 184 15.62 21.54 -30.53
C ALA A 184 14.47 21.02 -31.41
N LEU A 185 13.36 21.74 -31.37
CA LEU A 185 12.13 21.30 -32.00
C LEU A 185 12.04 21.66 -33.50
N GLY A 186 12.67 22.76 -33.91
CA GLY A 186 12.62 23.21 -35.31
C GLY A 186 11.20 23.44 -35.81
N ASN A 187 10.94 22.98 -37.03
CA ASN A 187 9.59 22.99 -37.57
C ASN A 187 8.85 21.80 -37.00
N MET A 188 7.77 22.11 -36.30
CA MET A 188 6.96 21.13 -35.64
C MET A 188 5.84 20.67 -36.57
N TYR A 189 5.67 19.36 -36.65
CA TYR A 189 4.51 18.75 -37.27
C TYR A 189 3.45 18.69 -36.18
N GLU A 190 2.43 19.54 -36.29
CA GLU A 190 1.41 19.73 -35.26
C GLU A 190 0.19 18.87 -35.49
N LEU A 191 -0.04 17.90 -34.60
CA LEU A 191 -1.11 16.92 -34.78
C LEU A 191 -2.14 17.03 -33.65
N LYS A 192 -3.35 16.61 -33.97
CA LYS A 192 -4.51 16.72 -33.12
C LYS A 192 -5.02 15.39 -32.57
N HIS A 193 -4.42 14.30 -33.01
CA HIS A 193 -4.81 12.96 -32.57
C HIS A 193 -3.59 12.07 -32.66
N ALA A 194 -3.61 10.99 -31.90
CA ALA A 194 -2.56 9.99 -31.96
C ALA A 194 -2.36 9.54 -33.39
N SER A 195 -1.11 9.39 -33.79
CA SER A 195 -0.75 8.96 -35.13
C SER A 195 0.49 8.08 -35.01
N HIS A 196 0.51 7.02 -35.81
CA HIS A 196 1.67 6.16 -35.92
C HIS A 196 2.71 6.83 -36.82
N ILE A 197 3.57 7.63 -36.23
CA ILE A 197 4.63 8.31 -36.99
C ILE A 197 5.83 7.36 -37.11
N SER A 198 6.21 7.03 -38.33
CA SER A 198 7.51 6.37 -38.60
C SER A 198 8.53 7.32 -39.26
N LYS A 199 8.07 8.44 -39.83
CA LYS A 199 8.96 9.39 -40.52
C LYS A 199 8.25 10.75 -40.64
N LEU A 200 9.04 11.81 -40.62
CA LEU A 200 8.48 13.16 -40.62
C LEU A 200 8.27 13.67 -42.06
N PRO A 201 7.28 14.55 -42.28
CA PRO A 201 7.18 15.32 -43.54
C PRO A 201 8.43 16.18 -43.79
N LYS A 202 8.80 16.35 -45.06
CA LYS A 202 10.06 17.03 -45.38
C LYS A 202 10.10 18.45 -44.75
N GLY A 203 11.24 18.77 -44.13
CA GLY A 203 11.43 20.03 -43.45
C GLY A 203 10.99 20.07 -42.00
N LYS A 204 10.31 19.03 -41.52
CA LYS A 204 9.88 18.94 -40.12
C LYS A 204 10.95 18.25 -39.28
N HIS A 205 11.19 18.77 -38.08
CA HIS A 205 12.20 18.22 -37.17
C HIS A 205 11.65 17.55 -35.91
N SER A 206 10.36 17.74 -35.65
CA SER A 206 9.72 17.20 -34.47
C SER A 206 8.21 17.13 -34.67
N VAL A 207 7.56 16.44 -33.73
CA VAL A 207 6.10 16.42 -33.64
C VAL A 207 5.65 17.12 -32.37
N LYS A 208 4.57 17.89 -32.48
CA LYS A 208 3.89 18.42 -31.33
C LYS A 208 2.45 17.95 -31.36
N GLY A 209 2.04 17.22 -30.32
CA GLY A 209 0.62 16.90 -30.13
C GLY A 209 -0.01 18.10 -29.48
N LEU A 210 -1.07 18.64 -30.08
CA LEU A 210 -1.70 19.87 -29.59
C LEU A 210 -2.75 19.56 -28.52
N GLY A 211 -2.55 20.11 -27.32
CA GLY A 211 -3.50 19.95 -26.22
C GLY A 211 -4.58 21.00 -26.21
N LYS A 212 -5.68 20.70 -25.51
CA LYS A 212 -6.74 21.67 -25.28
C LYS A 212 -6.29 22.79 -24.37
N THR A 213 -5.35 22.49 -23.47
CA THR A 213 -4.84 23.49 -22.54
C THR A 213 -3.33 23.63 -22.76
N THR A 214 -2.86 24.87 -22.69
CA THR A 214 -1.48 25.18 -23.00
C THR A 214 -1.01 26.28 -22.03
N PRO A 215 0.27 26.27 -21.64
CA PRO A 215 0.82 27.45 -20.95
C PRO A 215 0.60 28.68 -21.78
N ASP A 216 0.18 29.77 -21.15
CA ASP A 216 -0.16 31.02 -21.84
C ASP A 216 1.02 31.50 -22.69
N PRO A 217 0.90 31.47 -24.03
CA PRO A 217 2.06 31.78 -24.89
C PRO A 217 2.60 33.21 -24.76
N SER A 218 1.79 34.15 -24.28
CA SER A 218 2.26 35.51 -24.00
C SER A 218 3.12 35.59 -22.74
N ALA A 219 3.13 34.55 -21.90
CA ALA A 219 3.94 34.51 -20.68
C ALA A 219 5.29 33.81 -20.85
N ASN A 220 5.62 33.37 -22.07
CA ASN A 220 6.90 32.72 -22.38
C ASN A 220 8.07 33.65 -22.09
N ILE A 221 9.14 33.09 -21.51
CA ILE A 221 10.38 33.83 -21.28
C ILE A 221 11.54 33.11 -21.98
N SER A 222 12.69 33.76 -22.01
CA SER A 222 13.88 33.26 -22.67
C SER A 222 14.99 33.10 -21.63
N LEU A 223 15.43 31.87 -21.41
CA LEU A 223 16.52 31.55 -20.47
C LEU A 223 17.68 31.04 -21.34
N ASP A 224 18.76 31.83 -21.39
CA ASP A 224 19.76 31.76 -22.47
C ASP A 224 19.02 31.96 -23.82
N GLY A 225 19.31 31.17 -24.85
CA GLY A 225 18.54 31.27 -26.11
C GLY A 225 17.29 30.37 -26.17
N VAL A 226 16.87 29.81 -25.04
CA VAL A 226 15.88 28.76 -25.00
C VAL A 226 14.55 29.30 -24.48
N ASP A 227 13.46 28.96 -25.17
CA ASP A 227 12.13 29.40 -24.76
C ASP A 227 11.61 28.52 -23.62
N VAL A 228 11.06 29.14 -22.58
CA VAL A 228 10.53 28.44 -21.40
C VAL A 228 9.03 28.74 -21.30
N PRO A 229 8.17 27.73 -21.58
CA PRO A 229 6.73 27.97 -21.57
C PRO A 229 6.11 27.90 -20.19
N LEU A 230 6.38 28.90 -19.36
CA LEU A 230 6.05 28.82 -17.91
C LEU A 230 4.80 29.59 -17.50
N GLY A 231 4.00 30.01 -18.48
CA GLY A 231 2.72 30.63 -18.18
C GLY A 231 1.74 29.64 -17.58
N THR A 232 0.75 30.16 -16.87
CA THR A 232 -0.36 29.37 -16.35
C THR A 232 -1.23 28.85 -17.48
N GLY A 233 -1.93 27.75 -17.22
CA GLY A 233 -2.72 27.05 -18.24
C GLY A 233 -3.89 27.89 -18.74
N ILE A 234 -4.03 27.99 -20.06
CA ILE A 234 -5.25 28.54 -20.68
C ILE A 234 -5.73 27.59 -21.77
N SER A 235 -6.94 27.83 -22.23
CA SER A 235 -7.47 27.16 -23.39
C SER A 235 -6.64 27.53 -24.64
N SER A 236 -6.18 26.53 -25.37
CA SER A 236 -5.37 26.74 -26.57
C SER A 236 -6.16 27.33 -27.75
N GLY A 237 -7.48 27.11 -27.75
CA GLY A 237 -8.33 27.49 -28.87
C GLY A 237 -8.29 26.48 -30.00
N VAL A 238 -7.61 25.34 -29.78
CA VAL A 238 -7.63 24.22 -30.71
C VAL A 238 -8.75 23.29 -30.26
N ASN A 239 -9.88 23.39 -30.95
CA ASN A 239 -11.10 22.67 -30.56
C ASN A 239 -11.14 21.19 -30.95
N ASP A 240 -10.51 20.86 -32.06
CA ASP A 240 -10.62 19.57 -32.69
C ASP A 240 -9.62 18.52 -32.16
N THR A 241 -9.03 18.71 -30.99
CA THR A 241 -7.94 17.85 -30.54
C THR A 241 -8.39 16.93 -29.42
N SER A 242 -7.79 15.75 -29.37
CA SER A 242 -8.12 14.73 -28.38
C SER A 242 -7.15 14.71 -27.18
N LEU A 243 -6.11 15.52 -27.18
CA LEU A 243 -5.16 15.60 -26.04
C LEU A 243 -5.56 16.69 -25.08
N LEU A 244 -5.46 16.43 -23.78
CA LEU A 244 -5.65 17.48 -22.79
C LEU A 244 -4.47 18.46 -22.81
N TYR A 245 -3.25 17.93 -22.85
CA TYR A 245 -2.05 18.77 -22.79
C TYR A 245 -1.14 18.53 -23.97
N ASN A 246 -0.26 19.50 -24.24
CA ASN A 246 0.72 19.36 -25.28
C ASN A 246 1.68 18.23 -24.98
N GLU A 247 2.22 17.62 -26.03
CA GLU A 247 3.43 16.84 -25.92
C GLU A 247 4.31 17.08 -27.12
N TYR A 248 5.58 16.83 -26.93
CA TYR A 248 6.59 17.13 -27.90
C TYR A 248 7.45 15.91 -28.05
N ILE A 249 7.69 15.54 -29.31
CA ILE A 249 8.45 14.34 -29.59
C ILE A 249 9.53 14.64 -30.58
N VAL A 250 10.71 14.07 -30.34
CA VAL A 250 11.82 14.13 -31.28
C VAL A 250 12.30 12.70 -31.50
N TYR A 251 12.83 12.44 -32.70
CA TYR A 251 13.16 11.09 -33.14
C TYR A 251 14.64 10.90 -33.39
N ASP A 252 15.44 11.91 -33.03
CA ASP A 252 16.91 11.85 -33.06
C ASP A 252 17.37 12.25 -31.65
N ILE A 253 18.14 11.38 -31.00
CA ILE A 253 18.62 11.61 -29.61
C ILE A 253 19.49 12.86 -29.46
N ALA A 254 20.17 13.24 -30.52
CA ALA A 254 21.05 14.41 -30.53
C ALA A 254 20.29 15.75 -30.47
N GLN A 255 18.97 15.73 -30.67
CA GLN A 255 18.18 16.95 -30.51
C GLN A 255 17.87 17.33 -29.05
N VAL A 256 18.40 16.57 -28.09
CA VAL A 256 18.15 16.81 -26.65
C VAL A 256 19.47 17.16 -25.94
N ASN A 257 19.45 18.26 -25.18
CA ASN A 257 20.57 18.67 -24.35
C ASN A 257 19.98 18.85 -22.94
N LEU A 258 20.27 17.89 -22.05
CA LEU A 258 19.74 17.92 -20.70
C LEU A 258 20.38 19.09 -19.94
N LYS A 259 19.59 19.78 -19.13
CA LYS A 259 20.03 21.02 -18.46
C LYS A 259 19.90 20.97 -16.96
N TYR A 260 18.73 20.56 -16.47
CA TYR A 260 18.47 20.51 -15.04
C TYR A 260 17.85 19.19 -14.63
N LEU A 261 18.12 18.81 -13.38
CA LEU A 261 17.49 17.69 -12.77
C LEU A 261 16.90 18.23 -11.49
N LEU A 262 15.60 18.02 -11.31
CA LEU A 262 14.91 18.46 -10.11
C LEU A 262 14.55 17.25 -9.28
N LYS A 263 14.78 17.37 -7.97
CA LYS A 263 14.33 16.40 -6.98
C LYS A 263 13.05 17.00 -6.42
N LEU A 264 11.92 16.31 -6.65
CA LEU A 264 10.60 16.82 -6.32
C LEU A 264 9.98 16.00 -5.21
N LYS A 265 9.36 16.68 -4.25
CA LYS A 265 8.54 16.04 -3.24
C LYS A 265 7.08 16.10 -3.70
N PHE A 266 6.42 14.94 -3.70
CA PHE A 266 5.02 14.82 -4.04
C PHE A 266 4.22 14.79 -2.76
N ASN A 267 3.38 15.81 -2.54
CA ASN A 267 2.49 15.86 -1.37
C ASN A 267 1.10 15.43 -1.82
N PHE A 268 0.72 14.21 -1.49
CA PHE A 268 -0.55 13.63 -1.95
C PHE A 268 -1.75 14.16 -1.18
N LYS A 269 -2.87 14.34 -1.88
CA LYS A 269 -4.09 14.89 -1.28
C LYS A 269 -4.92 13.74 -0.73
N SER B 24 -5.68 -31.20 -45.79
CA SER B 24 -6.07 -30.85 -44.40
C SER B 24 -7.60 -30.75 -44.22
N LYS B 25 -8.10 -31.51 -43.25
CA LYS B 25 -9.53 -31.49 -42.84
C LYS B 25 -9.99 -30.21 -42.14
N LEU B 26 -9.06 -29.43 -41.58
CA LEU B 26 -9.40 -28.32 -40.68
C LEU B 26 -9.95 -27.11 -41.46
N PRO B 27 -10.86 -26.32 -40.83
CA PRO B 27 -11.34 -25.06 -41.45
C PRO B 27 -10.20 -24.09 -41.77
N LYS B 28 -10.39 -23.25 -42.79
CA LYS B 28 -9.30 -22.38 -43.28
C LYS B 28 -8.79 -21.36 -42.26
N PRO B 29 -9.68 -20.75 -41.43
CA PRO B 29 -9.19 -19.88 -40.34
C PRO B 29 -8.25 -20.59 -39.35
N VAL B 30 -8.56 -21.85 -39.01
CA VAL B 30 -7.69 -22.68 -38.19
C VAL B 30 -6.35 -22.98 -38.89
N GLN B 31 -6.40 -23.26 -40.19
CA GLN B 31 -5.18 -23.45 -41.00
C GLN B 31 -4.34 -22.19 -41.05
N ASP B 32 -4.99 -21.05 -41.29
CA ASP B 32 -4.34 -19.73 -41.27
C ASP B 32 -3.63 -19.52 -39.92
N LEU B 33 -4.33 -19.85 -38.82
CA LEU B 33 -3.78 -19.76 -37.45
C LEU B 33 -2.54 -20.62 -37.23
N ILE B 34 -2.55 -21.85 -37.74
CA ILE B 34 -1.42 -22.78 -37.61
C ILE B 34 -0.17 -22.28 -38.34
N LYS B 35 -0.34 -21.73 -39.54
CA LYS B 35 0.79 -21.17 -40.31
C LYS B 35 1.41 -19.99 -39.58
N MET B 36 0.56 -19.13 -39.01
CA MET B 36 0.99 -17.97 -38.25
C MET B 36 1.78 -18.38 -37.01
N ILE B 37 1.29 -19.38 -36.28
CA ILE B 37 1.94 -19.89 -35.07
C ILE B 37 3.30 -20.53 -35.34
N PHE B 38 3.41 -21.31 -36.43
CA PHE B 38 4.66 -21.97 -36.79
C PHE B 38 5.41 -21.24 -37.89
N PRO B 48 4.29 -28.98 -42.00
CA PRO B 48 3.02 -29.54 -42.52
C PRO B 48 1.86 -29.31 -41.54
N ILE B 49 0.69 -28.92 -42.05
CA ILE B 49 -0.38 -28.32 -41.22
C ILE B 49 -0.91 -29.24 -40.11
N ASP B 50 -1.40 -30.41 -40.51
CA ASP B 50 -2.05 -31.33 -39.57
C ASP B 50 -1.10 -31.88 -38.51
N VAL B 51 0.18 -32.06 -38.85
CA VAL B 51 1.18 -32.54 -37.88
C VAL B 51 1.51 -31.44 -36.87
N ASN B 52 1.56 -30.18 -37.33
CA ASN B 52 1.76 -29.04 -36.43
C ASN B 52 0.55 -28.79 -35.50
N TYR B 53 -0.68 -28.95 -36.02
CA TYR B 53 -1.90 -28.91 -35.20
C TYR B 53 -1.90 -29.95 -34.07
N GLU B 54 -1.47 -31.17 -34.39
CA GLU B 54 -1.29 -32.24 -33.40
C GLU B 54 -0.27 -31.87 -32.30
N LYS B 55 0.80 -31.15 -32.66
CA LYS B 55 1.79 -30.70 -31.65
C LYS B 55 1.24 -29.73 -30.60
N LEU B 56 0.18 -28.99 -30.94
CA LEU B 56 -0.45 -28.09 -30.00
C LEU B 56 -1.22 -28.79 -28.86
N LYS B 57 -1.62 -30.05 -29.07
CA LYS B 57 -2.39 -30.82 -28.08
C LYS B 57 -3.64 -30.07 -27.62
N THR B 58 -4.26 -29.33 -28.55
CA THR B 58 -5.37 -28.42 -28.25
C THR B 58 -6.46 -28.70 -29.29
N ASP B 59 -7.73 -28.66 -28.86
CA ASP B 59 -8.84 -28.72 -29.80
C ASP B 59 -9.25 -27.27 -30.09
N ILE B 60 -9.19 -26.88 -31.36
CA ILE B 60 -9.44 -25.49 -31.77
C ILE B 60 -10.67 -25.44 -32.68
N LYS B 61 -11.78 -24.90 -32.18
CA LYS B 61 -12.99 -24.66 -32.98
C LYS B 61 -13.06 -23.18 -33.36
N VAL B 62 -13.72 -22.89 -34.48
CA VAL B 62 -14.02 -21.51 -34.86
C VAL B 62 -15.31 -21.11 -34.20
N VAL B 63 -15.33 -20.02 -33.45
CA VAL B 63 -16.58 -19.50 -32.88
C VAL B 63 -17.33 -18.80 -34.01
N ASP B 64 -18.63 -19.07 -34.10
CA ASP B 64 -19.45 -18.49 -35.16
C ASP B 64 -19.59 -16.97 -34.98
N ARG B 65 -19.32 -16.22 -36.06
CA ARG B 65 -19.40 -14.75 -36.07
C ARG B 65 -20.74 -14.16 -35.63
N ASP B 66 -21.86 -14.83 -35.90
CA ASP B 66 -23.19 -14.35 -35.47
C ASP B 66 -23.64 -14.82 -34.07
N SER B 67 -22.88 -15.70 -33.42
CA SER B 67 -23.29 -16.26 -32.11
C SER B 67 -23.27 -15.22 -30.98
N GLU B 68 -23.94 -15.55 -29.88
CA GLU B 68 -23.91 -14.77 -28.64
C GLU B 68 -22.49 -14.62 -28.09
N GLU B 69 -21.71 -15.71 -28.08
CA GLU B 69 -20.32 -15.71 -27.62
C GLU B 69 -19.47 -14.66 -28.36
N ALA B 70 -19.60 -14.65 -29.68
CA ALA B 70 -18.86 -13.73 -30.54
C ALA B 70 -19.26 -12.28 -30.27
N GLU B 71 -20.56 -12.03 -30.12
CA GLU B 71 -21.05 -10.69 -29.83
C GLU B 71 -20.50 -10.20 -28.49
N ILE B 72 -20.50 -11.08 -27.49
CA ILE B 72 -19.97 -10.77 -26.16
C ILE B 72 -18.47 -10.45 -26.24
N ILE B 73 -17.72 -11.30 -26.94
CA ILE B 73 -16.28 -11.14 -27.07
C ILE B 73 -15.93 -9.84 -27.80
N ARG B 74 -16.61 -9.54 -28.89
CA ARG B 74 -16.40 -8.27 -29.59
C ARG B 74 -16.75 -7.05 -28.74
N LYS B 75 -17.80 -7.12 -27.93
CA LYS B 75 -18.16 -6.05 -27.01
C LYS B 75 -17.05 -5.81 -25.95
N TYR B 76 -16.48 -6.90 -25.45
CA TYR B 76 -15.36 -6.85 -24.51
C TYR B 76 -14.14 -6.16 -25.12
N VAL B 77 -13.87 -6.44 -26.41
CA VAL B 77 -12.79 -5.80 -27.13
C VAL B 77 -13.06 -4.31 -27.38
N LYS B 78 -14.27 -3.99 -27.79
CA LYS B 78 -14.65 -2.61 -28.08
C LYS B 78 -14.67 -1.74 -26.81
N ASN B 79 -15.29 -2.23 -25.75
CA ASN B 79 -15.50 -1.43 -24.53
C ASN B 79 -14.25 -1.23 -23.67
N THR B 80 -13.30 -2.16 -23.71
CA THR B 80 -12.15 -2.09 -22.80
C THR B 80 -10.88 -1.67 -23.51
N HIS B 81 -11.02 -1.05 -24.67
CA HIS B 81 -9.88 -0.65 -25.48
C HIS B 81 -9.75 0.80 -25.14
N ALA B 82 -8.64 1.17 -24.54
CA ALA B 82 -8.38 2.53 -24.03
C ALA B 82 -7.94 3.50 -25.24
N THR B 83 -8.99 3.90 -25.96
CA THR B 83 -8.91 4.34 -27.36
C THR B 83 -8.38 5.77 -27.60
N THR B 84 -8.63 6.68 -26.64
CA THR B 84 -8.02 8.04 -26.67
C THR B 84 -6.49 7.97 -26.59
N HIS B 85 -5.98 7.00 -25.81
CA HIS B 85 -4.54 6.92 -25.47
C HIS B 85 -3.77 5.94 -26.39
N ASN B 86 -4.08 5.97 -27.69
CA ASN B 86 -3.84 4.80 -28.54
C ASN B 86 -3.80 5.24 -30.00
N ALA B 87 -2.69 5.00 -30.70
CA ALA B 87 -2.68 5.15 -32.15
C ALA B 87 -3.24 3.97 -32.91
N TYR B 88 -4.10 3.11 -32.36
CA TYR B 88 -4.72 2.07 -33.21
C TYR B 88 -6.15 1.71 -32.78
N ASP B 89 -6.91 1.14 -33.70
CA ASP B 89 -8.17 0.47 -33.39
C ASP B 89 -7.97 -1.03 -33.50
N LEU B 90 -8.85 -1.79 -32.86
CA LEU B 90 -8.80 -3.25 -32.89
C LEU B 90 -10.00 -3.82 -33.65
N GLU B 91 -9.72 -4.77 -34.54
CA GLU B 91 -10.74 -5.50 -35.27
C GLU B 91 -10.53 -6.98 -34.97
N VAL B 92 -11.57 -7.64 -34.49
CA VAL B 92 -11.51 -9.09 -34.30
C VAL B 92 -11.66 -9.76 -35.67
N ILE B 93 -10.66 -10.54 -36.08
CA ILE B 93 -10.72 -11.27 -37.34
C ILE B 93 -11.40 -12.64 -37.14
N ASP B 94 -10.80 -13.48 -36.28
CA ASP B 94 -11.33 -14.81 -35.98
C ASP B 94 -11.28 -15.04 -34.47
N ILE B 95 -12.28 -15.74 -33.97
CA ILE B 95 -12.39 -16.11 -32.56
C ILE B 95 -12.34 -17.62 -32.53
N PHE B 96 -11.36 -18.17 -31.81
CA PHE B 96 -11.19 -19.60 -31.67
C PHE B 96 -11.50 -20.05 -30.26
N LYS B 97 -12.35 -21.06 -30.12
CA LYS B 97 -12.59 -21.69 -28.83
C LYS B 97 -11.53 -22.76 -28.69
N ILE B 98 -10.83 -22.77 -27.55
CA ILE B 98 -9.69 -23.66 -27.34
C ILE B 98 -9.90 -24.49 -26.09
N GLU B 99 -9.56 -25.77 -26.18
CA GLU B 99 -9.54 -26.65 -25.04
C GLU B 99 -8.25 -27.43 -25.14
N ARG B 100 -7.29 -27.06 -24.29
CA ARG B 100 -6.04 -27.79 -24.17
C ARG B 100 -6.30 -29.13 -23.51
N GLU B 101 -5.55 -30.13 -23.92
CA GLU B 101 -5.71 -31.49 -23.43
C GLU B 101 -5.28 -31.58 -21.97
N GLY B 102 -6.14 -32.19 -21.15
CA GLY B 102 -5.88 -32.31 -19.71
C GLY B 102 -6.02 -31.05 -18.86
N GLU B 103 -6.25 -29.88 -19.46
CA GLU B 103 -6.38 -28.63 -18.70
C GLU B 103 -7.67 -28.57 -17.90
N CYS B 104 -8.78 -29.06 -18.47
CA CYS B 104 -10.05 -29.12 -17.75
C CYS B 104 -9.93 -29.97 -16.47
N GLN B 105 -9.21 -31.09 -16.55
CA GLN B 105 -8.95 -31.94 -15.39
C GLN B 105 -8.04 -31.24 -14.37
N ARG B 106 -6.98 -30.59 -14.83
CA ARG B 106 -6.07 -29.83 -13.96
C ARG B 106 -6.78 -28.68 -13.23
N TYR B 107 -7.70 -28.00 -13.93
CA TYR B 107 -8.49 -26.88 -13.40
C TYR B 107 -9.64 -27.30 -12.48
N LYS B 108 -10.00 -28.58 -12.48
CA LYS B 108 -11.18 -29.08 -11.75
C LYS B 108 -11.28 -28.63 -10.28
N PRO B 109 -10.16 -28.68 -9.52
CA PRO B 109 -10.20 -28.19 -8.13
C PRO B 109 -10.62 -26.72 -7.97
N PHE B 110 -10.22 -25.87 -8.92
CA PHE B 110 -10.52 -24.45 -8.86
C PHE B 110 -11.85 -24.06 -9.52
N LYS B 111 -12.50 -24.96 -10.24
CA LYS B 111 -13.75 -24.63 -10.94
C LYS B 111 -14.91 -24.29 -9.99
N GLN B 112 -14.88 -24.84 -8.78
CA GLN B 112 -15.88 -24.49 -7.76
C GLN B 112 -15.51 -23.21 -6.98
N LEU B 113 -14.29 -22.71 -7.15
CA LEU B 113 -13.83 -21.50 -6.45
C LEU B 113 -14.58 -20.26 -6.91
N HIS B 114 -14.86 -19.35 -6.00
CA HIS B 114 -15.62 -18.13 -6.29
C HIS B 114 -14.72 -17.11 -6.99
N ASN B 115 -15.35 -16.10 -7.60
CA ASN B 115 -14.64 -15.04 -8.29
C ASN B 115 -13.78 -15.60 -9.46
N ARG B 116 -14.44 -16.30 -10.38
CA ARG B 116 -13.78 -16.72 -11.62
C ARG B 116 -14.06 -15.67 -12.67
N ARG B 117 -13.04 -15.27 -13.42
CA ARG B 117 -13.15 -14.15 -14.37
C ARG B 117 -12.52 -14.49 -15.69
N LEU B 118 -13.12 -13.97 -16.76
CA LEU B 118 -12.59 -14.11 -18.11
C LEU B 118 -11.72 -12.90 -18.40
N LEU B 119 -10.43 -13.13 -18.55
CA LEU B 119 -9.47 -12.03 -18.61
C LEU B 119 -8.47 -12.24 -19.75
N TRP B 120 -7.84 -11.13 -20.16
CA TRP B 120 -6.94 -11.09 -21.30
C TRP B 120 -5.52 -11.41 -20.93
N HIS B 121 -4.83 -12.10 -21.85
CA HIS B 121 -3.38 -12.26 -21.79
C HIS B 121 -2.79 -12.18 -23.20
N GLY B 122 -1.96 -11.17 -23.42
CA GLY B 122 -1.34 -10.94 -24.71
C GLY B 122 0.06 -11.50 -24.67
N SER B 123 0.57 -11.90 -25.84
CA SER B 123 1.91 -12.40 -25.98
C SER B 123 2.32 -12.34 -27.45
N ARG B 124 3.64 -12.41 -27.67
CA ARG B 124 4.18 -12.49 -29.03
C ARG B 124 3.65 -13.75 -29.71
N THR B 125 3.36 -13.61 -31.00
CA THR B 125 2.92 -14.73 -31.85
C THR B 125 3.87 -15.94 -31.76
N THR B 126 5.17 -15.68 -31.68
CA THR B 126 6.18 -16.75 -31.55
C THR B 126 6.05 -17.60 -30.27
N ASN B 127 5.44 -17.07 -29.21
CA ASN B 127 5.27 -17.85 -27.97
C ASN B 127 4.05 -18.79 -28.01
N PHE B 128 3.17 -18.66 -29.01
CA PHE B 128 1.89 -19.39 -28.95
C PHE B 128 1.95 -20.90 -29.18
N ALA B 129 3.00 -21.40 -29.83
CA ALA B 129 3.23 -22.84 -29.91
C ALA B 129 3.46 -23.42 -28.51
N GLY B 130 4.38 -22.82 -27.74
CA GLY B 130 4.61 -23.24 -26.36
C GLY B 130 3.38 -23.04 -25.49
N ILE B 131 2.74 -21.87 -25.60
CA ILE B 131 1.58 -21.57 -24.77
C ILE B 131 0.46 -22.59 -24.94
N LEU B 132 0.11 -22.95 -26.17
CA LEU B 132 -1.03 -23.87 -26.38
C LEU B 132 -0.69 -25.32 -26.04
N SER B 133 0.54 -25.74 -26.27
CA SER B 133 0.98 -27.12 -25.93
C SER B 133 1.23 -27.29 -24.45
N GLN B 134 1.86 -26.30 -23.81
CA GLN B 134 2.25 -26.38 -22.39
C GLN B 134 1.34 -25.63 -21.41
N GLY B 135 0.50 -24.73 -21.91
CA GLY B 135 -0.27 -23.82 -21.03
C GLY B 135 0.55 -22.59 -20.65
N LEU B 136 -0.10 -21.60 -20.06
CA LEU B 136 0.63 -20.44 -19.51
C LEU B 136 1.46 -20.91 -18.31
N ARG B 137 2.76 -20.63 -18.37
CA ARG B 137 3.65 -21.03 -17.30
C ARG B 137 4.23 -19.85 -16.55
N ILE B 138 4.66 -20.11 -15.33
CA ILE B 138 5.36 -19.14 -14.51
C ILE B 138 6.80 -19.26 -14.90
N ALA B 139 7.51 -18.16 -15.05
CA ALA B 139 8.98 -18.22 -15.17
C ALA B 139 9.59 -19.01 -14.00
N PRO B 140 10.68 -19.75 -14.25
CA PRO B 140 11.18 -20.65 -13.17
C PRO B 140 11.75 -19.86 -11.98
N PRO B 141 11.95 -20.51 -10.82
CA PRO B 141 12.70 -19.91 -9.68
C PRO B 141 14.08 -19.33 -10.06
N GLU B 142 14.75 -19.95 -11.02
CA GLU B 142 16.08 -19.53 -11.47
C GLU B 142 16.10 -18.23 -12.28
N ALA B 143 14.98 -17.84 -12.88
CA ALA B 143 14.87 -16.57 -13.61
C ALA B 143 15.02 -15.35 -12.67
N PRO B 144 15.49 -14.19 -13.20
CA PRO B 144 15.61 -13.02 -12.34
C PRO B 144 14.28 -12.32 -11.99
N VAL B 145 14.13 -12.03 -10.70
CA VAL B 145 13.19 -11.11 -10.07
C VAL B 145 12.65 -9.85 -10.83
N THR B 146 13.55 -9.12 -11.49
CA THR B 146 13.40 -7.66 -11.65
C THR B 146 12.29 -7.11 -12.58
N GLY B 147 11.85 -7.87 -13.58
CA GLY B 147 10.87 -7.35 -14.56
C GLY B 147 9.39 -7.51 -14.22
N TYR B 148 9.10 -7.68 -12.91
CA TYR B 148 7.77 -8.10 -12.47
C TYR B 148 7.16 -7.08 -11.53
N MET B 149 5.95 -6.67 -11.81
CA MET B 149 5.20 -5.78 -10.93
C MET B 149 4.82 -6.47 -9.59
N PHE B 150 4.44 -7.74 -9.66
CA PHE B 150 3.89 -8.50 -8.53
C PHE B 150 4.44 -9.92 -8.44
N GLY B 151 5.75 -10.08 -8.68
CA GLY B 151 6.43 -11.36 -8.59
C GLY B 151 6.16 -12.31 -9.75
N LYS B 152 6.70 -13.50 -9.64
CA LYS B 152 6.60 -14.50 -10.69
C LYS B 152 5.25 -15.20 -10.66
N GLY B 153 4.34 -14.73 -11.47
CA GLY B 153 3.04 -15.36 -11.64
C GLY B 153 2.62 -15.32 -13.09
N ILE B 154 1.34 -15.56 -13.34
CA ILE B 154 0.74 -15.43 -14.64
C ILE B 154 -0.13 -14.20 -14.59
N TYR B 155 0.15 -13.24 -15.47
CA TYR B 155 -0.49 -11.94 -15.47
C TYR B 155 -1.63 -11.83 -16.47
N PHE B 156 -2.72 -11.19 -16.04
CA PHE B 156 -3.91 -10.91 -16.84
C PHE B 156 -4.39 -9.48 -16.66
N ALA B 157 -5.15 -8.99 -17.65
CA ALA B 157 -5.81 -7.69 -17.61
C ALA B 157 -7.30 -7.81 -17.92
N ASP B 158 -8.09 -6.83 -17.45
CA ASP B 158 -9.47 -6.67 -17.85
C ASP B 158 -9.64 -5.64 -18.97
N MET B 159 -8.58 -4.92 -19.31
CA MET B 159 -8.57 -3.97 -20.41
C MET B 159 -7.82 -4.57 -21.58
N VAL B 160 -8.50 -4.75 -22.72
CA VAL B 160 -7.87 -5.42 -23.86
C VAL B 160 -6.62 -4.67 -24.34
N SER B 161 -6.64 -3.36 -24.32
CA SER B 161 -5.48 -2.56 -24.80
C SER B 161 -4.24 -2.72 -23.92
N LYS B 162 -4.42 -3.02 -22.63
CA LYS B 162 -3.26 -3.33 -21.77
C LYS B 162 -2.57 -4.61 -22.20
N SER B 163 -3.33 -5.68 -22.42
CA SER B 163 -2.79 -6.95 -22.85
C SER B 163 -2.33 -6.90 -24.34
N ALA B 164 -3.06 -6.15 -25.16
CA ALA B 164 -2.76 -6.04 -26.59
C ALA B 164 -1.38 -5.49 -26.82
N ASN B 165 -0.88 -4.59 -25.95
CA ASN B 165 0.48 -4.10 -26.09
C ASN B 165 1.50 -5.25 -26.07
N TYR B 166 1.21 -6.31 -25.32
CA TYR B 166 2.13 -7.43 -25.19
C TYR B 166 2.15 -8.38 -26.41
N CYS B 167 1.30 -8.11 -27.42
CA CYS B 167 1.39 -8.79 -28.71
C CYS B 167 2.61 -8.35 -29.50
N HIS B 168 3.12 -7.15 -29.24
CA HIS B 168 4.27 -6.60 -29.96
C HIS B 168 4.02 -6.52 -31.46
N THR B 169 2.83 -6.10 -31.88
CA THR B 169 2.51 -5.90 -33.30
C THR B 169 3.08 -4.58 -33.79
N SER B 170 3.12 -4.38 -35.11
CA SER B 170 3.66 -3.16 -35.73
C SER B 170 2.98 -2.85 -37.06
N GLN B 171 3.36 -1.74 -37.69
CA GLN B 171 2.73 -1.37 -38.99
C GLN B 171 2.96 -2.49 -40.00
N GLY B 172 4.19 -2.97 -40.09
CA GLY B 172 4.57 -4.07 -40.99
C GLY B 172 4.14 -5.48 -40.59
N ASP B 173 3.56 -5.63 -39.40
CA ASP B 173 3.09 -6.92 -38.89
C ASP B 173 1.88 -6.66 -37.97
N PRO B 174 0.73 -6.31 -38.57
CA PRO B 174 -0.36 -5.75 -37.78
C PRO B 174 -1.37 -6.74 -37.20
N ILE B 175 -1.06 -8.04 -37.17
CA ILE B 175 -1.97 -9.07 -36.68
C ILE B 175 -1.34 -9.68 -35.45
N GLY B 176 -2.11 -9.69 -34.35
CA GLY B 176 -1.65 -10.26 -33.10
C GLY B 176 -2.58 -11.37 -32.64
N LEU B 177 -2.07 -12.17 -31.68
CA LEU B 177 -2.87 -13.16 -31.00
C LEU B 177 -3.00 -12.79 -29.51
N ILE B 178 -4.18 -13.03 -28.97
CA ILE B 178 -4.48 -12.69 -27.59
C ILE B 178 -5.47 -13.71 -27.01
N LEU B 179 -5.21 -14.09 -25.76
CA LEU B 179 -5.98 -15.13 -25.09
C LEU B 179 -7.05 -14.53 -24.22
N LEU B 180 -8.15 -15.26 -24.06
CA LEU B 180 -9.10 -15.05 -22.98
C LEU B 180 -9.02 -16.28 -22.11
N GLY B 181 -8.61 -16.07 -20.86
CA GLY B 181 -8.49 -17.15 -19.86
C GLY B 181 -9.60 -17.05 -18.82
N GLU B 182 -10.17 -18.19 -18.45
CA GLU B 182 -10.93 -18.28 -17.21
C GLU B 182 -9.89 -18.39 -16.10
N VAL B 183 -9.90 -17.41 -15.19
CA VAL B 183 -8.90 -17.34 -14.10
C VAL B 183 -9.67 -17.42 -12.78
N ALA B 184 -9.34 -18.42 -11.99
CA ALA B 184 -9.97 -18.63 -10.67
C ALA B 184 -9.23 -17.76 -9.65
N LEU B 185 -9.80 -16.59 -9.38
CA LEU B 185 -9.12 -15.58 -8.58
C LEU B 185 -9.35 -15.75 -7.07
N GLY B 186 -10.50 -16.31 -6.67
CA GLY B 186 -10.84 -16.48 -5.25
C GLY B 186 -10.80 -15.18 -4.46
N ASN B 187 -10.21 -15.25 -3.27
CA ASN B 187 -9.96 -14.04 -2.48
C ASN B 187 -8.72 -13.37 -3.02
N MET B 188 -8.90 -12.13 -3.47
CA MET B 188 -7.84 -11.36 -4.06
C MET B 188 -7.15 -10.53 -2.98
N TYR B 189 -5.83 -10.56 -3.02
CA TYR B 189 -4.98 -9.65 -2.25
C TYR B 189 -4.83 -8.41 -3.12
N GLU B 190 -5.49 -7.33 -2.69
CA GLU B 190 -5.58 -6.09 -3.46
C GLU B 190 -4.51 -5.09 -3.10
N LEU B 191 -3.61 -4.83 -4.06
CA LEU B 191 -2.47 -3.94 -3.81
C LEU B 191 -2.54 -2.70 -4.72
N LYS B 192 -1.89 -1.64 -4.29
CA LYS B 192 -1.88 -0.34 -4.93
C LYS B 192 -0.52 0.04 -5.53
N HIS B 193 0.48 -0.79 -5.35
CA HIS B 193 1.83 -0.49 -5.81
CA HIS B 193 1.84 -0.49 -5.81
C HIS B 193 2.55 -1.81 -6.00
N ALA B 194 3.54 -1.80 -6.88
CA ALA B 194 4.38 -2.96 -7.12
C ALA B 194 4.91 -3.50 -5.80
N SER B 195 4.87 -4.81 -5.66
CA SER B 195 5.41 -5.48 -4.47
C SER B 195 5.97 -6.81 -4.91
N HIS B 196 7.11 -7.19 -4.38
CA HIS B 196 7.76 -8.46 -4.75
C HIS B 196 7.10 -9.61 -3.99
N ILE B 197 6.01 -10.14 -4.53
CA ILE B 197 5.23 -11.15 -3.80
C ILE B 197 5.81 -12.53 -4.04
N SER B 198 6.26 -13.19 -2.96
CA SER B 198 6.77 -14.57 -3.01
C SER B 198 5.81 -15.60 -2.41
N LYS B 199 4.79 -15.14 -1.68
CA LYS B 199 3.78 -15.99 -1.06
C LYS B 199 2.54 -15.15 -0.76
N LEU B 200 1.37 -15.78 -0.80
CA LEU B 200 0.14 -15.09 -0.49
C LEU B 200 -0.21 -15.10 0.99
N PRO B 201 -0.89 -14.05 1.49
CA PRO B 201 -1.48 -14.10 2.85
C PRO B 201 -2.50 -15.23 2.99
N LYS B 202 -2.61 -15.83 4.17
CA LYS B 202 -3.48 -16.99 4.35
C LYS B 202 -4.93 -16.68 3.92
N GLY B 203 -5.52 -17.60 3.16
CA GLY B 203 -6.86 -17.42 2.61
C GLY B 203 -6.95 -16.70 1.28
N LYS B 204 -5.86 -16.12 0.81
CA LYS B 204 -5.82 -15.44 -0.50
C LYS B 204 -5.39 -16.40 -1.58
N HIS B 205 -6.03 -16.31 -2.74
CA HIS B 205 -5.73 -17.17 -3.89
C HIS B 205 -5.08 -16.45 -5.07
N SER B 206 -5.07 -15.12 -5.06
CA SER B 206 -4.54 -14.33 -6.15
C SER B 206 -4.19 -12.93 -5.68
N VAL B 207 -3.49 -12.18 -6.54
CA VAL B 207 -3.26 -10.77 -6.36
C VAL B 207 -3.99 -9.96 -7.44
N LYS B 208 -4.56 -8.85 -7.03
CA LYS B 208 -5.08 -7.86 -7.94
C LYS B 208 -4.39 -6.54 -7.70
N GLY B 209 -3.69 -6.02 -8.71
CA GLY B 209 -3.15 -4.66 -8.67
C GLY B 209 -4.31 -3.75 -9.04
N LEU B 210 -4.61 -2.76 -8.21
CA LEU B 210 -5.74 -1.86 -8.43
C LEU B 210 -5.37 -0.67 -9.35
N GLY B 211 -6.04 -0.57 -10.49
CA GLY B 211 -5.83 0.55 -11.43
C GLY B 211 -6.69 1.75 -11.14
N LYS B 212 -6.29 2.89 -11.68
CA LYS B 212 -7.09 4.12 -11.61
C LYS B 212 -8.36 4.00 -12.44
N THR B 213 -8.30 3.22 -13.51
CA THR B 213 -9.45 3.05 -14.40
C THR B 213 -9.82 1.58 -14.43
N THR B 214 -11.10 1.31 -14.42
CA THR B 214 -11.62 -0.05 -14.34
C THR B 214 -12.86 -0.15 -15.23
N PRO B 215 -13.10 -1.32 -15.86
CA PRO B 215 -14.40 -1.56 -16.50
C PRO B 215 -15.50 -1.35 -15.50
N ASP B 216 -16.56 -0.67 -15.91
CA ASP B 216 -17.67 -0.31 -15.03
C ASP B 216 -18.26 -1.58 -14.37
N PRO B 217 -18.08 -1.75 -13.05
CA PRO B 217 -18.50 -3.01 -12.43
C PRO B 217 -20.00 -3.33 -12.49
N SER B 218 -20.84 -2.30 -12.66
CA SER B 218 -22.27 -2.51 -12.88
C SER B 218 -22.60 -3.07 -14.27
N ALA B 219 -21.66 -3.05 -15.21
CA ALA B 219 -21.86 -3.59 -16.55
C ALA B 219 -21.39 -5.04 -16.74
N ASN B 220 -20.90 -5.67 -15.66
CA ASN B 220 -20.42 -7.06 -15.70
C ASN B 220 -21.52 -8.02 -16.12
N ILE B 221 -21.17 -9.00 -16.95
CA ILE B 221 -22.08 -10.08 -17.34
C ILE B 221 -21.49 -11.44 -16.97
N SER B 222 -22.29 -12.49 -17.12
CA SER B 222 -21.88 -13.84 -16.80
C SER B 222 -21.95 -14.70 -18.07
N LEU B 223 -20.81 -15.21 -18.52
CA LEU B 223 -20.70 -16.09 -19.68
C LEU B 223 -20.29 -17.45 -19.15
N ASP B 224 -21.21 -18.43 -19.26
CA ASP B 224 -21.19 -19.66 -18.45
C ASP B 224 -21.19 -19.24 -16.96
N GLY B 225 -20.36 -19.84 -16.10
CA GLY B 225 -20.28 -19.38 -14.70
C GLY B 225 -19.25 -18.27 -14.44
N VAL B 226 -18.72 -17.67 -15.50
CA VAL B 226 -17.54 -16.82 -15.42
C VAL B 226 -17.92 -15.35 -15.59
N ASP B 227 -17.39 -14.49 -14.73
CA ASP B 227 -17.68 -13.05 -14.81
C ASP B 227 -16.83 -12.41 -15.92
N VAL B 228 -17.45 -11.58 -16.74
CA VAL B 228 -16.79 -10.91 -17.86
C VAL B 228 -16.88 -9.39 -17.63
N PRO B 229 -15.74 -8.75 -17.31
CA PRO B 229 -15.77 -7.32 -17.00
C PRO B 229 -15.71 -6.45 -18.25
N LEU B 230 -16.81 -6.41 -19.00
CA LEU B 230 -16.83 -5.81 -20.34
C LEU B 230 -17.46 -4.41 -20.39
N GLY B 231 -17.64 -3.78 -19.25
CA GLY B 231 -18.07 -2.39 -19.19
C GLY B 231 -16.99 -1.46 -19.71
N THR B 232 -17.43 -0.27 -20.15
CA THR B 232 -16.52 0.78 -20.54
C THR B 232 -15.74 1.31 -19.33
N GLY B 233 -14.57 1.89 -19.59
CA GLY B 233 -13.67 2.38 -18.53
C GLY B 233 -14.28 3.52 -17.73
N ILE B 234 -14.25 3.40 -16.41
CA ILE B 234 -14.55 4.52 -15.50
C ILE B 234 -13.42 4.64 -14.48
N SER B 235 -13.42 5.77 -13.79
CA SER B 235 -12.54 5.96 -12.66
C SER B 235 -12.93 4.97 -11.53
N SER B 236 -11.95 4.24 -11.01
CA SER B 236 -12.19 3.25 -9.98
C SER B 236 -12.51 3.89 -8.61
N GLY B 237 -12.07 5.13 -8.40
CA GLY B 237 -12.21 5.77 -7.10
C GLY B 237 -11.13 5.34 -6.12
N VAL B 238 -10.14 4.57 -6.59
CA VAL B 238 -8.97 4.24 -5.82
C VAL B 238 -7.91 5.28 -6.17
N ASN B 239 -7.77 6.26 -5.28
CA ASN B 239 -6.66 7.18 -5.28
C ASN B 239 -5.54 6.54 -4.48
N ASP B 240 -4.31 6.99 -4.70
CA ASP B 240 -3.12 6.42 -4.08
C ASP B 240 -2.62 5.15 -4.77
N THR B 241 -3.17 4.80 -5.95
CA THR B 241 -2.59 3.69 -6.69
C THR B 241 -1.73 4.19 -7.84
N SER B 242 -0.68 3.43 -8.11
CA SER B 242 0.29 3.78 -9.16
C SER B 242 0.03 3.10 -10.52
N LEU B 243 -0.96 2.22 -10.61
CA LEU B 243 -1.31 1.54 -11.88
C LEU B 243 -2.41 2.31 -12.63
N LEU B 244 -2.28 2.42 -13.94
CA LEU B 244 -3.37 2.93 -14.76
C LEU B 244 -4.53 1.93 -14.81
N TYR B 245 -4.22 0.66 -15.03
CA TYR B 245 -5.25 -0.37 -15.19
C TYR B 245 -5.04 -1.51 -14.20
N ASN B 246 -6.10 -2.28 -13.98
CA ASN B 246 -6.03 -3.46 -13.13
C ASN B 246 -5.09 -4.49 -13.75
N GLU B 247 -4.47 -5.28 -12.89
CA GLU B 247 -3.90 -6.54 -13.29
C GLU B 247 -4.19 -7.59 -12.26
N TYR B 248 -4.18 -8.83 -12.74
CA TYR B 248 -4.53 -9.96 -11.97
C TYR B 248 -3.44 -10.98 -12.12
N ILE B 249 -3.00 -11.53 -10.99
CA ILE B 249 -1.90 -12.47 -11.00
C ILE B 249 -2.28 -13.70 -10.19
N VAL B 250 -1.92 -14.86 -10.71
CA VAL B 250 -2.06 -16.12 -10.01
C VAL B 250 -0.70 -16.81 -10.02
N TYR B 251 -0.44 -17.60 -8.99
CA TYR B 251 0.89 -18.17 -8.75
C TYR B 251 0.88 -19.70 -8.78
N ASP B 252 -0.25 -20.28 -9.19
CA ASP B 252 -0.40 -21.70 -9.45
C ASP B 252 -0.95 -21.80 -10.88
N ILE B 253 -0.25 -22.52 -11.76
CA ILE B 253 -0.66 -22.65 -13.17
C ILE B 253 -2.04 -23.28 -13.37
N ALA B 254 -2.43 -24.14 -12.43
CA ALA B 254 -3.72 -24.80 -12.45
C ALA B 254 -4.93 -23.89 -12.24
N GLN B 255 -4.72 -22.65 -11.80
CA GLN B 255 -5.82 -21.70 -11.67
C GLN B 255 -6.25 -21.04 -12.98
N VAL B 256 -5.64 -21.43 -14.10
CA VAL B 256 -5.95 -20.87 -15.44
C VAL B 256 -6.56 -21.96 -16.34
N ASN B 257 -7.69 -21.64 -16.94
CA ASN B 257 -8.31 -22.51 -17.94
C ASN B 257 -8.51 -21.62 -19.18
N LEU B 258 -7.68 -21.82 -20.20
CA LEU B 258 -7.76 -21.03 -21.43
C LEU B 258 -9.05 -21.35 -22.15
N LYS B 259 -9.69 -20.33 -22.72
CA LYS B 259 -11.02 -20.48 -23.33
C LYS B 259 -11.07 -20.07 -24.77
N TYR B 260 -10.56 -18.88 -25.08
CA TYR B 260 -10.59 -18.35 -26.43
C TYR B 260 -9.23 -17.81 -26.85
N LEU B 261 -8.99 -17.87 -28.15
CA LEU B 261 -7.85 -17.27 -28.77
C LEU B 261 -8.43 -16.37 -29.84
N LEU B 262 -8.09 -15.09 -29.81
CA LEU B 262 -8.54 -14.12 -30.80
C LEU B 262 -7.38 -13.74 -31.69
N LYS B 263 -7.66 -13.68 -32.98
CA LYS B 263 -6.73 -13.15 -33.97
C LYS B 263 -7.22 -11.72 -34.21
N LEU B 264 -6.38 -10.74 -33.84
CA LEU B 264 -6.76 -9.33 -33.86
C LEU B 264 -5.99 -8.58 -34.91
N LYS B 265 -6.69 -7.74 -35.68
CA LYS B 265 -6.06 -6.81 -36.59
C LYS B 265 -5.93 -5.46 -35.88
N PHE B 266 -4.71 -4.92 -35.89
CA PHE B 266 -4.40 -3.60 -35.38
C PHE B 266 -4.43 -2.62 -36.54
N ASN B 267 -5.37 -1.68 -36.54
CA ASN B 267 -5.47 -0.64 -37.55
C ASN B 267 -4.86 0.63 -37.02
N PHE B 268 -3.65 0.95 -37.46
CA PHE B 268 -2.91 2.09 -36.95
C PHE B 268 -3.40 3.40 -37.54
N LYS B 269 -3.40 4.45 -36.72
CA LYS B 269 -3.81 5.79 -37.16
C LYS B 269 -2.59 6.50 -37.65
N LEU C 26 -40.44 -10.67 33.15
CA LEU C 26 -39.19 -11.00 32.43
C LEU C 26 -38.31 -11.95 33.23
N PRO C 27 -37.54 -12.83 32.54
CA PRO C 27 -36.55 -13.69 33.26
C PRO C 27 -35.52 -12.88 34.03
N LYS C 28 -34.98 -13.45 35.11
CA LYS C 28 -34.09 -12.70 36.02
C LYS C 28 -32.79 -12.19 35.37
N PRO C 29 -32.15 -12.97 34.46
CA PRO C 29 -31.00 -12.44 33.72
C PRO C 29 -31.32 -11.18 32.90
N VAL C 30 -32.48 -11.14 32.26
CA VAL C 30 -32.96 -9.94 31.56
C VAL C 30 -33.20 -8.77 32.53
N GLN C 31 -33.78 -9.05 33.70
CA GLN C 31 -33.97 -8.04 34.75
C GLN C 31 -32.64 -7.51 35.25
N ASP C 32 -31.70 -8.42 35.52
CA ASP C 32 -30.32 -8.05 35.91
C ASP C 32 -29.71 -7.12 34.85
N LEU C 33 -29.87 -7.47 33.58
CA LEU C 33 -29.38 -6.66 32.44
C LEU C 33 -29.97 -5.24 32.40
N ILE C 34 -31.27 -5.12 32.65
CA ILE C 34 -31.96 -3.83 32.64
C ILE C 34 -31.45 -2.90 33.75
N LYS C 35 -31.24 -3.44 34.95
CA LYS C 35 -30.71 -2.65 36.07
C LYS C 35 -29.30 -2.14 35.77
N MET C 36 -28.50 -3.00 35.16
CA MET C 36 -27.12 -2.65 34.78
C MET C 36 -27.10 -1.54 33.72
N ILE C 37 -27.98 -1.65 32.73
CA ILE C 37 -28.09 -0.65 31.65
C ILE C 37 -28.57 0.72 32.15
N PHE C 38 -29.54 0.74 33.07
CA PHE C 38 -30.07 1.98 33.61
C PHE C 38 -29.50 2.30 34.98
N PRO C 48 -38.03 1.80 37.21
CA PRO C 48 -38.83 0.58 37.27
C PRO C 48 -38.58 -0.33 36.06
N ILE C 49 -38.46 -1.65 36.30
CA ILE C 49 -37.88 -2.59 35.31
C ILE C 49 -38.64 -2.66 33.98
N ASP C 50 -39.93 -2.97 34.03
CA ASP C 50 -40.71 -3.19 32.80
C ASP C 50 -40.87 -1.92 31.96
N VAL C 51 -40.93 -0.74 32.60
CA VAL C 51 -41.01 0.53 31.85
C VAL C 51 -39.68 0.84 31.15
N ASN C 52 -38.57 0.52 31.81
CA ASN C 52 -37.23 0.69 31.23
C ASN C 52 -36.95 -0.31 30.07
N TYR C 53 -37.43 -1.55 30.21
CA TYR C 53 -37.39 -2.55 29.12
C TYR C 53 -38.13 -2.08 27.86
N GLU C 54 -39.31 -1.49 28.07
CA GLU C 54 -40.09 -0.87 26.98
C GLU C 54 -39.32 0.27 26.28
N LYS C 55 -38.55 1.06 27.02
CA LYS C 55 -37.72 2.13 26.41
C LYS C 55 -36.63 1.64 25.45
N LEU C 56 -36.18 0.41 25.62
CA LEU C 56 -35.18 -0.19 24.73
C LEU C 56 -35.72 -0.51 23.32
N LYS C 57 -37.05 -0.67 23.18
CA LYS C 57 -37.68 -1.00 21.89
C LYS C 57 -37.05 -2.24 21.25
N THR C 58 -36.66 -3.19 22.09
CA THR C 58 -35.88 -4.37 21.68
C THR C 58 -36.58 -5.59 22.32
N ASP C 59 -36.63 -6.69 21.59
CA ASP C 59 -37.07 -7.96 22.16
C ASP C 59 -35.81 -8.71 22.62
N ILE C 60 -35.73 -9.01 23.91
CA ILE C 60 -34.53 -9.61 24.50
C ILE C 60 -34.87 -10.99 25.06
N LYS C 61 -34.39 -12.05 24.37
CA LYS C 61 -34.51 -13.42 24.88
C LYS C 61 -33.19 -13.86 25.48
N VAL C 62 -33.25 -14.79 26.44
CA VAL C 62 -32.05 -15.42 26.97
C VAL C 62 -31.73 -16.61 26.08
N VAL C 63 -30.51 -16.67 25.56
CA VAL C 63 -30.08 -17.84 24.78
C VAL C 63 -29.81 -18.98 25.76
N ASP C 64 -30.30 -20.17 25.46
CA ASP C 64 -30.14 -21.32 26.34
C ASP C 64 -28.66 -21.73 26.41
N ARG C 65 -28.16 -21.90 27.64
CA ARG C 65 -26.76 -22.28 27.90
C ARG C 65 -26.29 -23.58 27.23
N ASP C 66 -27.18 -24.56 27.06
CA ASP C 66 -26.83 -25.82 26.41
C ASP C 66 -27.00 -25.84 24.87
N SER C 67 -27.59 -24.78 24.29
CA SER C 67 -27.88 -24.76 22.85
C SER C 67 -26.63 -24.70 21.97
N GLU C 68 -26.80 -25.02 20.69
CA GLU C 68 -25.75 -24.88 19.67
C GLU C 68 -25.26 -23.43 19.53
N GLU C 69 -26.20 -22.48 19.53
CA GLU C 69 -25.87 -21.03 19.48
C GLU C 69 -24.91 -20.61 20.60
N ALA C 70 -25.22 -21.05 21.82
CA ALA C 70 -24.41 -20.73 22.97
C ALA C 70 -23.03 -21.35 22.90
N GLU C 71 -22.96 -22.60 22.45
CA GLU C 71 -21.67 -23.29 22.27
C GLU C 71 -20.81 -22.55 21.25
N ILE C 72 -21.43 -22.13 20.14
CA ILE C 72 -20.74 -21.38 19.09
C ILE C 72 -20.21 -20.05 19.64
N ILE C 73 -21.08 -19.32 20.34
CA ILE C 73 -20.74 -18.00 20.86
C ILE C 73 -19.60 -18.10 21.90
N ARG C 74 -19.67 -19.07 22.81
CA ARG C 74 -18.58 -19.28 23.76
C ARG C 74 -17.26 -19.67 23.10
N LYS C 75 -17.32 -20.47 22.04
CA LYS C 75 -16.11 -20.83 21.28
C LYS C 75 -15.47 -19.58 20.63
N TYR C 76 -16.31 -18.70 20.09
CA TYR C 76 -15.86 -17.44 19.50
C TYR C 76 -15.15 -16.55 20.54
N VAL C 77 -15.69 -16.52 21.77
CA VAL C 77 -15.08 -15.77 22.86
C VAL C 77 -13.75 -16.40 23.31
N LYS C 78 -13.73 -17.72 23.45
CA LYS C 78 -12.53 -18.42 23.89
C LYS C 78 -11.40 -18.35 22.85
N ASN C 79 -11.71 -18.62 21.59
CA ASN C 79 -10.69 -18.69 20.54
C ASN C 79 -10.09 -17.38 20.08
N THR C 80 -10.83 -16.27 20.19
CA THR C 80 -10.37 -15.01 19.63
C THR C 80 -9.92 -14.03 20.71
N HIS C 81 -9.58 -14.55 21.88
CA HIS C 81 -8.94 -13.76 22.91
C HIS C 81 -7.42 -13.73 22.63
N ALA C 82 -6.88 -12.55 22.32
CA ALA C 82 -5.53 -12.37 21.82
C ALA C 82 -4.47 -12.38 22.88
N THR C 83 -3.22 -12.59 22.43
CA THR C 83 -2.03 -12.72 23.29
C THR C 83 -1.49 -11.39 23.90
N THR C 84 -1.65 -10.27 23.18
CA THR C 84 -1.35 -8.94 23.74
C THR C 84 -2.23 -8.61 24.96
N HIS C 85 -3.47 -9.07 24.93
CA HIS C 85 -4.51 -8.72 25.93
C HIS C 85 -4.63 -9.77 27.06
N ASN C 86 -3.49 -10.28 27.53
CA ASN C 86 -3.46 -11.39 28.48
C ASN C 86 -3.53 -11.00 29.96
N ALA C 87 -3.82 -9.73 30.24
CA ALA C 87 -4.06 -9.36 31.66
C ALA C 87 -5.42 -9.86 32.25
N TYR C 88 -6.31 -10.42 31.42
CA TYR C 88 -7.55 -10.98 31.89
C TYR C 88 -8.01 -12.19 31.04
N ASP C 89 -8.89 -13.00 31.64
CA ASP C 89 -9.67 -13.99 30.90
C ASP C 89 -11.11 -13.50 30.82
N LEU C 90 -11.85 -14.05 29.87
CA LEU C 90 -13.26 -13.72 29.71
C LEU C 90 -14.14 -14.92 30.02
N GLU C 91 -15.20 -14.67 30.78
CA GLU C 91 -16.22 -15.66 31.09
C GLU C 91 -17.55 -15.09 30.62
N VAL C 92 -18.26 -15.85 29.80
CA VAL C 92 -19.60 -15.46 29.40
C VAL C 92 -20.55 -15.75 30.55
N ILE C 93 -21.24 -14.72 31.05
CA ILE C 93 -22.25 -14.90 32.08
C ILE C 93 -23.62 -15.22 31.46
N ASP C 94 -24.14 -14.32 30.63
CA ASP C 94 -25.43 -14.49 29.95
C ASP C 94 -25.31 -14.06 28.49
N ILE C 95 -26.03 -14.76 27.63
CA ILE C 95 -26.08 -14.47 26.20
C ILE C 95 -27.52 -14.11 25.91
N PHE C 96 -27.73 -12.91 25.38
CA PHE C 96 -29.06 -12.43 25.04
C PHE C 96 -29.23 -12.31 23.54
N LYS C 97 -30.30 -12.89 23.01
CA LYS C 97 -30.65 -12.70 21.61
C LYS C 97 -31.47 -11.44 21.55
N ILE C 98 -31.12 -10.51 20.65
CA ILE C 98 -31.76 -9.21 20.59
C ILE C 98 -32.29 -8.95 19.19
N GLU C 99 -33.49 -8.40 19.12
CA GLU C 99 -34.10 -7.98 17.88
C GLU C 99 -34.68 -6.60 18.15
N ARG C 100 -33.98 -5.58 17.67
CA ARG C 100 -34.45 -4.20 17.75
C ARG C 100 -35.62 -4.03 16.80
N GLU C 101 -36.56 -3.17 17.21
CA GLU C 101 -37.76 -2.89 16.44
C GLU C 101 -37.39 -2.15 15.15
N GLY C 102 -37.96 -2.64 14.05
CA GLY C 102 -37.70 -2.08 12.73
C GLY C 102 -36.35 -2.36 12.09
N GLU C 103 -35.40 -2.97 12.81
CA GLU C 103 -34.04 -3.14 12.30
C GLU C 103 -33.98 -4.22 11.21
N CYS C 104 -34.74 -5.30 11.37
CA CYS C 104 -34.83 -6.34 10.33
C CYS C 104 -35.32 -5.76 8.99
N GLN C 105 -36.30 -4.87 9.06
CA GLN C 105 -36.80 -4.19 7.84
C GLN C 105 -35.77 -3.22 7.25
N ARG C 106 -35.11 -2.46 8.11
CA ARG C 106 -34.02 -1.55 7.67
C ARG C 106 -32.86 -2.29 7.00
N TYR C 107 -32.50 -3.45 7.55
CA TYR C 107 -31.43 -4.31 7.04
C TYR C 107 -31.79 -5.13 5.79
N LYS C 108 -33.07 -5.21 5.46
CA LYS C 108 -33.56 -6.06 4.36
C LYS C 108 -32.81 -5.92 3.03
N PRO C 109 -32.51 -4.67 2.59
CA PRO C 109 -31.72 -4.50 1.35
C PRO C 109 -30.33 -5.15 1.37
N PHE C 110 -29.68 -5.16 2.53
CA PHE C 110 -28.34 -5.73 2.67
C PHE C 110 -28.32 -7.22 3.00
N LYS C 111 -29.47 -7.81 3.37
CA LYS C 111 -29.50 -9.23 3.75
C LYS C 111 -29.14 -10.19 2.60
N GLN C 112 -29.38 -9.78 1.35
CA GLN C 112 -28.94 -10.58 0.20
C GLN C 112 -27.49 -10.32 -0.20
N LEU C 113 -26.86 -9.29 0.38
CA LEU C 113 -25.46 -8.95 0.06
C LEU C 113 -24.50 -10.04 0.56
N HIS C 114 -23.45 -10.31 -0.21
CA HIS C 114 -22.48 -11.37 0.10
C HIS C 114 -21.52 -10.88 1.20
N ASN C 115 -20.80 -11.82 1.80
CA ASN C 115 -19.83 -11.51 2.85
C ASN C 115 -20.50 -10.80 4.06
N ARG C 116 -21.50 -11.47 4.63
CA ARG C 116 -22.09 -11.03 5.89
C ARG C 116 -21.35 -11.76 7.01
N ARG C 117 -20.98 -11.04 8.05
CA ARG C 117 -20.16 -11.59 9.13
C ARG C 117 -20.68 -11.20 10.49
N LEU C 118 -20.53 -12.12 11.44
CA LEU C 118 -20.89 -11.89 12.82
C LEU C 118 -19.66 -11.36 13.56
N LEU C 119 -19.70 -10.12 13.98
CA LEU C 119 -18.53 -9.43 14.49
C LEU C 119 -18.84 -8.69 15.80
N TRP C 120 -17.77 -8.41 16.56
CA TRP C 120 -17.84 -7.82 17.87
C TRP C 120 -17.87 -6.31 17.85
N HIS C 121 -18.63 -5.72 18.77
CA HIS C 121 -18.56 -4.30 19.06
C HIS C 121 -18.72 -4.06 20.56
N GLY C 122 -17.67 -3.54 21.20
CA GLY C 122 -17.69 -3.27 22.61
C GLY C 122 -17.94 -1.80 22.84
N SER C 123 -18.51 -1.51 24.00
CA SER C 123 -18.81 -0.13 24.41
C SER C 123 -19.02 -0.09 25.92
N ARG C 124 -18.94 1.11 26.46
CA ARG C 124 -19.24 1.34 27.87
C ARG C 124 -20.70 0.94 28.16
N THR C 125 -20.90 0.34 29.33
CA THR C 125 -22.23 -0.06 29.81
C THR C 125 -23.24 1.10 29.75
N THR C 126 -22.79 2.31 30.07
CA THR C 126 -23.64 3.50 30.02
C THR C 126 -24.19 3.85 28.61
N ASN C 127 -23.53 3.40 27.55
CA ASN C 127 -24.03 3.67 26.19
C ASN C 127 -25.12 2.70 25.73
N PHE C 128 -25.35 1.61 26.46
CA PHE C 128 -26.23 0.55 25.93
C PHE C 128 -27.73 0.86 25.88
N ALA C 129 -28.21 1.81 26.67
CA ALA C 129 -29.58 2.30 26.54
C ALA C 129 -29.78 2.94 25.17
N GLY C 130 -28.90 3.88 24.80
CA GLY C 130 -28.94 4.50 23.48
C GLY C 130 -28.74 3.48 22.37
N ILE C 131 -27.74 2.62 22.53
CA ILE C 131 -27.43 1.65 21.48
C ILE C 131 -28.62 0.74 21.15
N LEU C 132 -29.30 0.20 22.17
CA LEU C 132 -30.40 -0.75 21.90
C LEU C 132 -31.67 -0.07 21.39
N SER C 133 -31.94 1.15 21.86
CA SER C 133 -33.12 1.91 21.41
C SER C 133 -32.91 2.53 20.02
N GLN C 134 -31.72 3.07 19.78
CA GLN C 134 -31.42 3.78 18.52
C GLN C 134 -30.60 3.00 17.49
N GLY C 135 -29.97 1.88 17.90
CA GLY C 135 -29.02 1.17 17.04
C GLY C 135 -27.63 1.79 17.12
N LEU C 136 -26.63 1.08 16.58
CA LEU C 136 -25.29 1.65 16.45
C LEU C 136 -25.34 2.81 15.45
N ARG C 137 -24.87 3.96 15.87
CA ARG C 137 -24.85 5.16 15.03
C ARG C 137 -23.44 5.60 14.71
N ILE C 138 -23.32 6.45 13.70
CA ILE C 138 -22.07 7.08 13.33
C ILE C 138 -21.88 8.30 14.23
N TYR C 148 -9.95 8.49 14.70
CA TYR C 148 -10.49 7.43 13.84
C TYR C 148 -9.41 6.88 12.95
N MET C 149 -9.29 5.56 12.96
CA MET C 149 -8.36 4.88 12.06
C MET C 149 -8.81 5.00 10.59
N PHE C 150 -10.12 4.88 10.35
CA PHE C 150 -10.69 4.75 8.99
C PHE C 150 -11.98 5.57 8.82
N GLY C 151 -11.97 6.79 9.35
CA GLY C 151 -13.08 7.73 9.21
C GLY C 151 -14.25 7.42 10.12
N LYS C 152 -15.30 8.22 9.96
CA LYS C 152 -16.50 8.09 10.75
C LYS C 152 -17.38 6.98 10.21
N GLY C 153 -17.25 5.81 10.81
CA GLY C 153 -18.13 4.67 10.52
C GLY C 153 -18.47 3.95 11.81
N ILE C 154 -18.97 2.73 11.65
CA ILE C 154 -19.24 1.84 12.76
C ILE C 154 -18.17 0.77 12.71
N TYR C 155 -17.41 0.66 13.80
CA TYR C 155 -16.25 -0.23 13.88
C TYR C 155 -16.58 -1.54 14.57
N PHE C 156 -16.03 -2.62 13.98
CA PHE C 156 -16.15 -3.99 14.49
C PHE C 156 -14.81 -4.70 14.47
N ALA C 157 -14.70 -5.75 15.29
CA ALA C 157 -13.55 -6.64 15.31
C ALA C 157 -13.97 -8.11 15.20
N ASP C 158 -13.04 -8.95 14.75
CA ASP C 158 -13.20 -10.39 14.81
C ASP C 158 -12.49 -11.00 16.01
N MET C 159 -11.72 -10.21 16.74
CA MET C 159 -11.04 -10.66 17.96
C MET C 159 -11.81 -10.08 19.16
N VAL C 160 -12.35 -10.95 20.01
CA VAL C 160 -13.18 -10.47 21.12
C VAL C 160 -12.40 -9.53 22.05
N SER C 161 -11.13 -9.82 22.29
CA SER C 161 -10.33 -9.01 23.19
C SER C 161 -10.08 -7.59 22.70
N LYS C 162 -10.06 -7.40 21.37
CA LYS C 162 -9.94 -6.05 20.79
C LYS C 162 -11.17 -5.22 21.12
N SER C 163 -12.37 -5.75 20.91
CA SER C 163 -13.59 -5.04 21.21
C SER C 163 -13.86 -4.95 22.73
N ALA C 164 -13.47 -5.99 23.46
CA ALA C 164 -13.68 -6.04 24.90
C ALA C 164 -12.97 -4.91 25.62
N ASN C 165 -11.83 -4.46 25.10
CA ASN C 165 -11.15 -3.31 25.69
C ASN C 165 -12.02 -2.07 25.68
N TYR C 166 -12.90 -1.96 24.69
CA TYR C 166 -13.81 -0.80 24.60
C TYR C 166 -15.00 -0.83 25.58
N CYS C 167 -15.11 -1.91 26.37
CA CYS C 167 -16.04 -1.95 27.51
C CYS C 167 -15.59 -1.06 28.65
N HIS C 168 -14.29 -0.79 28.74
CA HIS C 168 -13.71 0.03 29.82
C HIS C 168 -14.04 -0.53 31.20
N THR C 169 -13.92 -1.86 31.36
CA THR C 169 -14.10 -2.50 32.67
C THR C 169 -12.82 -2.34 33.48
N SER C 170 -12.91 -2.62 34.78
CA SER C 170 -11.76 -2.50 35.69
C SER C 170 -11.82 -3.51 36.83
N GLN C 171 -10.80 -3.52 37.69
CA GLN C 171 -10.79 -4.47 38.82
C GLN C 171 -12.03 -4.28 39.68
N GLY C 172 -12.34 -3.03 40.02
CA GLY C 172 -13.52 -2.69 40.81
C GLY C 172 -14.88 -2.72 40.10
N ASP C 173 -14.88 -2.96 38.79
CA ASP C 173 -16.09 -3.02 38.00
C ASP C 173 -15.88 -4.00 36.82
N PRO C 174 -15.83 -5.32 37.13
CA PRO C 174 -15.32 -6.27 36.17
C PRO C 174 -16.34 -6.91 35.22
N ILE C 175 -17.54 -6.35 35.09
CA ILE C 175 -18.57 -6.91 34.19
C ILE C 175 -18.81 -5.92 33.05
N GLY C 176 -18.70 -6.38 31.81
CA GLY C 176 -18.90 -5.55 30.64
C GLY C 176 -20.01 -6.10 29.74
N LEU C 177 -20.47 -5.27 28.81
CA LEU C 177 -21.41 -5.67 27.78
C LEU C 177 -20.76 -5.55 26.40
N ILE C 178 -21.06 -6.50 25.53
CA ILE C 178 -20.47 -6.56 24.20
C ILE C 178 -21.48 -7.13 23.19
N LEU C 179 -21.51 -6.54 22.00
CA LEU C 179 -22.47 -6.90 20.98
C LEU C 179 -21.85 -7.85 19.97
N LEU C 180 -22.70 -8.71 19.40
CA LEU C 180 -22.38 -9.42 18.17
C LEU C 180 -23.35 -8.90 17.14
N GLY C 181 -22.80 -8.27 16.10
CA GLY C 181 -23.59 -7.76 14.99
C GLY C 181 -23.42 -8.58 13.74
N GLU C 182 -24.51 -8.83 13.02
CA GLU C 182 -24.43 -9.26 11.63
C GLU C 182 -24.11 -7.99 10.83
N VAL C 183 -22.96 -7.98 10.15
CA VAL C 183 -22.48 -6.82 9.39
C VAL C 183 -22.37 -7.24 7.93
N ALA C 184 -23.10 -6.54 7.06
CA ALA C 184 -23.09 -6.80 5.63
C ALA C 184 -21.89 -6.07 5.00
N LEU C 185 -20.79 -6.80 4.82
CA LEU C 185 -19.54 -6.21 4.42
C LEU C 185 -19.38 -6.05 2.90
N GLY C 186 -20.00 -6.94 2.12
CA GLY C 186 -19.88 -6.93 0.65
C GLY C 186 -18.45 -7.01 0.16
N ASN C 187 -18.12 -6.19 -0.83
CA ASN C 187 -16.74 -6.05 -1.27
C ASN C 187 -16.04 -5.11 -0.31
N MET C 188 -14.99 -5.64 0.30
CA MET C 188 -14.21 -4.91 1.27
C MET C 188 -13.06 -4.20 0.59
N TYR C 189 -12.89 -2.93 0.94
CA TYR C 189 -11.70 -2.17 0.61
C TYR C 189 -10.69 -2.47 1.70
N GLU C 190 -9.66 -3.23 1.34
CA GLU C 190 -8.68 -3.77 2.29
C GLU C 190 -7.46 -2.87 2.40
N LEU C 191 -7.27 -2.26 3.58
CA LEU C 191 -6.23 -1.29 3.80
C LEU C 191 -5.24 -1.77 4.85
N LYS C 192 -4.01 -1.26 4.70
CA LYS C 192 -2.89 -1.63 5.52
C LYS C 192 -2.45 -0.55 6.51
N HIS C 193 -3.03 0.64 6.41
CA HIS C 193 -2.70 1.74 7.31
C HIS C 193 -3.91 2.63 7.43
N ALA C 194 -3.96 3.40 8.52
CA ALA C 194 -4.97 4.41 8.73
C ALA C 194 -5.13 5.28 7.49
N SER C 195 -6.37 5.54 7.12
CA SER C 195 -6.67 6.40 5.99
C SER C 195 -7.95 7.14 6.31
N HIS C 196 -7.98 8.43 5.96
CA HIS C 196 -9.16 9.25 6.15
C HIS C 196 -10.15 8.94 5.03
N ILE C 197 -11.01 7.96 5.25
CA ILE C 197 -12.00 7.58 4.23
C ILE C 197 -13.24 8.51 4.41
N SER C 198 -13.57 9.26 3.36
CA SER C 198 -14.83 9.99 3.29
C SER C 198 -15.83 9.35 2.30
N LYS C 199 -15.37 8.48 1.39
CA LYS C 199 -16.23 7.78 0.46
C LYS C 199 -15.51 6.58 -0.15
N LEU C 200 -16.22 5.52 -0.49
CA LEU C 200 -15.61 4.27 -0.90
C LEU C 200 -15.35 4.22 -2.42
N PRO C 201 -14.31 3.47 -2.85
CA PRO C 201 -14.13 3.17 -4.28
C PRO C 201 -15.34 2.43 -4.89
N LYS C 202 -15.62 2.67 -6.16
CA LYS C 202 -16.81 2.08 -6.79
C LYS C 202 -16.84 0.54 -6.64
N GLY C 203 -17.99 0.02 -6.27
CA GLY C 203 -18.18 -1.40 -6.01
C GLY C 203 -17.89 -1.84 -4.60
N LYS C 204 -17.28 -1.00 -3.77
CA LYS C 204 -16.93 -1.37 -2.39
C LYS C 204 -18.04 -0.99 -1.44
N HIS C 205 -18.34 -1.86 -0.48
CA HIS C 205 -19.39 -1.62 0.52
C HIS C 205 -18.90 -1.40 1.95
N SER C 206 -17.62 -1.68 2.20
CA SER C 206 -17.05 -1.56 3.53
C SER C 206 -15.53 -1.44 3.44
N VAL C 207 -14.91 -1.13 4.59
CA VAL C 207 -13.46 -1.16 4.73
C VAL C 207 -13.05 -2.24 5.72
N LYS C 208 -11.97 -2.94 5.39
CA LYS C 208 -11.33 -3.84 6.32
C LYS C 208 -9.88 -3.39 6.51
N GLY C 209 -9.52 -3.04 7.74
CA GLY C 209 -8.12 -2.82 8.09
C GLY C 209 -7.51 -4.18 8.35
N LEU C 210 -6.41 -4.48 7.65
CA LEU C 210 -5.77 -5.81 7.75
C LEU C 210 -4.81 -5.93 8.92
N GLY C 211 -5.07 -6.84 9.84
CA GLY C 211 -4.17 -7.10 10.98
C GLY C 211 -3.09 -8.10 10.69
N LYS C 212 -2.04 -8.06 11.50
CA LYS C 212 -0.98 -9.06 11.45
C LYS C 212 -1.47 -10.42 11.92
N THR C 213 -2.44 -10.45 12.80
CA THR C 213 -3.00 -11.69 13.32
C THR C 213 -4.48 -11.73 13.01
N THR C 214 -4.96 -12.90 12.63
CA THR C 214 -6.33 -13.09 12.18
C THR C 214 -6.84 -14.44 12.68
N PRO C 215 -8.15 -14.54 12.98
CA PRO C 215 -8.74 -15.88 13.20
C PRO C 215 -8.47 -16.77 12.02
N ASP C 216 -8.07 -18.01 12.27
CA ASP C 216 -7.73 -18.97 11.22
C ASP C 216 -8.87 -19.11 10.20
N PRO C 217 -8.68 -18.63 8.96
CA PRO C 217 -9.81 -18.60 8.01
C PRO C 217 -10.37 -19.99 7.62
N SER C 218 -9.57 -21.05 7.78
CA SER C 218 -10.06 -22.41 7.57
C SER C 218 -10.99 -22.90 8.69
N ALA C 219 -11.04 -22.19 9.82
CA ALA C 219 -11.91 -22.57 10.94
C ALA C 219 -13.26 -21.84 10.96
N ASN C 220 -13.52 -21.01 9.94
CA ASN C 220 -14.79 -20.27 9.84
C ASN C 220 -15.98 -21.21 9.75
N ILE C 221 -17.07 -20.85 10.43
CA ILE C 221 -18.33 -21.61 10.36
C ILE C 221 -19.46 -20.67 9.94
N SER C 222 -20.63 -21.26 9.67
CA SER C 222 -21.79 -20.52 9.20
C SER C 222 -22.93 -20.69 10.21
N LEU C 223 -23.36 -19.58 10.83
CA LEU C 223 -24.46 -19.56 11.78
C LEU C 223 -25.58 -18.76 11.12
N ASP C 224 -26.68 -19.44 10.79
CA ASP C 224 -27.65 -18.98 9.77
C ASP C 224 -26.88 -18.78 8.44
N GLY C 225 -27.11 -17.69 7.71
CA GLY C 225 -26.31 -17.39 6.52
C GLY C 225 -25.04 -16.58 6.76
N VAL C 226 -24.64 -16.42 8.03
CA VAL C 226 -23.63 -15.46 8.43
C VAL C 226 -22.33 -16.17 8.78
N ASP C 227 -21.22 -15.65 8.28
CA ASP C 227 -19.91 -16.23 8.56
C ASP C 227 -19.42 -15.80 9.95
N VAL C 228 -18.92 -16.74 10.74
CA VAL C 228 -18.43 -16.49 12.09
C VAL C 228 -16.93 -16.84 12.13
N PRO C 229 -16.07 -15.81 12.24
CA PRO C 229 -14.62 -16.07 12.21
C PRO C 229 -14.06 -16.47 13.57
N LEU C 230 -14.38 -17.69 14.00
CA LEU C 230 -14.10 -18.12 15.39
C LEU C 230 -12.87 -19.02 15.56
N GLY C 231 -12.02 -19.07 14.54
CA GLY C 231 -10.76 -19.78 14.64
C GLY C 231 -9.82 -19.07 15.59
N THR C 232 -8.85 -19.83 16.12
CA THR C 232 -7.79 -19.28 16.93
C THR C 232 -6.86 -18.40 16.10
N GLY C 233 -6.19 -17.45 16.75
CA GLY C 233 -5.35 -16.45 16.08
C GLY C 233 -4.15 -17.10 15.41
N ILE C 234 -3.94 -16.76 14.13
CA ILE C 234 -2.70 -17.08 13.42
C ILE C 234 -2.16 -15.84 12.76
N SER C 235 -0.93 -15.93 12.32
CA SER C 235 -0.33 -14.89 11.48
C SER C 235 -1.11 -14.82 10.14
N SER C 236 -1.53 -13.63 9.75
CA SER C 236 -2.24 -13.42 8.50
C SER C 236 -1.33 -13.57 7.26
N GLY C 237 -0.03 -13.39 7.45
CA GLY C 237 0.94 -13.38 6.37
C GLY C 237 1.03 -12.01 5.73
N VAL C 238 0.30 -11.02 6.25
CA VAL C 238 0.43 -9.64 5.82
C VAL C 238 1.41 -8.96 6.76
N ASN C 239 2.64 -8.84 6.32
CA ASN C 239 3.73 -8.24 7.12
C ASN C 239 3.70 -6.69 7.16
N ASP C 240 3.31 -6.09 6.07
CA ASP C 240 3.50 -4.66 5.84
C ASP C 240 2.25 -3.85 6.21
N THR C 241 1.51 -4.30 7.18
CA THR C 241 0.38 -3.57 7.75
C THR C 241 0.74 -3.08 9.12
N SER C 242 0.09 -2.00 9.56
CA SER C 242 0.34 -1.38 10.85
C SER C 242 -0.62 -1.81 11.96
N LEU C 243 -1.65 -2.60 11.65
CA LEU C 243 -2.62 -3.05 12.68
C LEU C 243 -2.23 -4.41 13.24
N LEU C 244 -2.39 -4.60 14.52
CA LEU C 244 -2.20 -5.93 15.13
C LEU C 244 -3.36 -6.85 14.74
N TYR C 245 -4.57 -6.35 14.82
CA TYR C 245 -5.78 -7.15 14.54
C TYR C 245 -6.64 -6.51 13.46
N ASN C 246 -7.50 -7.30 12.84
CA ASN C 246 -8.43 -6.78 11.84
C ASN C 246 -9.40 -5.80 12.47
N GLU C 247 -9.88 -4.86 11.66
CA GLU C 247 -11.11 -4.15 11.97
C GLU C 247 -11.93 -3.97 10.72
N TYR C 248 -13.21 -3.79 10.92
CA TYR C 248 -14.16 -3.73 9.88
C TYR C 248 -15.02 -2.51 10.12
N ILE C 249 -15.22 -1.72 9.06
CA ILE C 249 -15.94 -0.48 9.17
C ILE C 249 -16.99 -0.42 8.08
N VAL C 250 -18.18 0.03 8.47
CA VAL C 250 -19.26 0.28 7.54
C VAL C 250 -19.73 1.72 7.75
N TYR C 251 -20.23 2.35 6.69
CA TYR C 251 -20.52 3.79 6.68
C TYR C 251 -21.99 4.11 6.45
N ASP C 252 -22.81 3.07 6.45
CA ASP C 252 -24.26 3.16 6.40
C ASP C 252 -24.78 2.35 7.58
N ILE C 253 -25.55 2.98 8.47
CA ILE C 253 -26.06 2.29 9.68
C ILE C 253 -26.95 1.08 9.38
N ALA C 254 -27.61 1.09 8.23
CA ALA C 254 -28.47 0.00 7.78
C ALA C 254 -27.73 -1.29 7.43
N GLN C 255 -26.41 -1.25 7.30
CA GLN C 255 -25.62 -2.46 7.07
C GLN C 255 -25.37 -3.29 8.33
N VAL C 256 -25.92 -2.89 9.48
CA VAL C 256 -25.73 -3.60 10.75
C VAL C 256 -27.07 -4.13 11.26
N ASN C 257 -27.09 -5.42 11.60
CA ASN C 257 -28.25 -6.05 12.24
C ASN C 257 -27.72 -6.69 13.50
N LEU C 258 -28.02 -6.08 14.65
CA LEU C 258 -27.55 -6.58 15.95
C LEU C 258 -28.24 -7.91 16.23
N LYS C 259 -27.49 -8.85 16.80
CA LYS C 259 -27.98 -10.23 17.00
C LYS C 259 -27.92 -10.69 18.43
N TYR C 260 -26.77 -10.51 19.07
CA TYR C 260 -26.57 -10.94 20.44
C TYR C 260 -25.94 -9.86 21.30
N LEU C 261 -26.25 -9.92 22.59
CA LEU C 261 -25.64 -9.08 23.58
C LEU C 261 -25.13 -10.03 24.63
N LEU C 262 -23.84 -9.97 24.93
CA LEU C 262 -23.21 -10.81 25.93
C LEU C 262 -22.85 -9.97 27.14
N LYS C 263 -23.14 -10.52 28.32
CA LYS C 263 -22.68 -9.98 29.58
C LYS C 263 -21.44 -10.79 29.95
N LEU C 264 -20.29 -10.12 30.00
CA LEU C 264 -18.99 -10.78 30.16
C LEU C 264 -18.37 -10.42 31.49
N LYS C 265 -17.83 -11.43 32.17
CA LYS C 265 -17.03 -11.24 33.37
C LYS C 265 -15.55 -11.23 32.97
N PHE C 266 -14.85 -10.18 33.39
CA PHE C 266 -13.42 -10.03 33.18
C PHE C 266 -12.70 -10.52 34.43
N ASN C 267 -11.94 -11.60 34.31
CA ASN C 267 -11.13 -12.13 35.42
C ASN C 267 -9.71 -11.68 35.25
N PHE C 268 -9.30 -10.69 36.04
CA PHE C 268 -7.97 -10.10 35.90
C PHE C 268 -6.88 -10.96 36.53
N LYS C 269 -5.70 -10.96 35.92
CA LYS C 269 -4.51 -11.59 36.49
C LYS C 269 -3.83 -10.61 37.43
N SER D 24 16.61 28.46 7.53
CA SER D 24 16.78 27.61 8.74
C SER D 24 18.25 27.23 9.00
N LYS D 25 18.71 27.54 10.21
CA LYS D 25 20.06 27.17 10.70
C LYS D 25 20.32 25.65 10.89
N LEU D 26 19.26 24.86 11.03
CA LEU D 26 19.37 23.46 11.45
C LEU D 26 19.89 22.56 10.33
N PRO D 27 20.64 21.47 10.67
CA PRO D 27 21.06 20.49 9.65
C PRO D 27 19.87 19.85 8.92
N LYS D 28 20.06 19.42 7.68
CA LYS D 28 18.94 18.95 6.85
C LYS D 28 18.23 17.69 7.39
N PRO D 29 18.98 16.72 7.99
CA PRO D 29 18.30 15.58 8.64
C PRO D 29 17.36 16.00 9.79
N VAL D 30 17.77 17.01 10.57
CA VAL D 30 16.90 17.59 11.60
C VAL D 30 15.67 18.28 10.99
N GLN D 31 15.87 19.01 9.89
CA GLN D 31 14.77 19.64 9.15
C GLN D 31 13.80 18.59 8.60
N ASP D 32 14.35 17.54 7.99
CA ASP D 32 13.56 16.39 7.51
C ASP D 32 12.73 15.81 8.66
N LEU D 33 13.35 15.64 9.82
CA LEU D 33 12.68 15.12 11.05
C LEU D 33 11.51 15.99 11.50
N ILE D 34 11.70 17.32 11.47
CA ILE D 34 10.64 18.27 11.89
C ILE D 34 9.42 18.22 10.96
N LYS D 35 9.65 18.12 9.65
CA LYS D 35 8.54 18.00 8.69
C LYS D 35 7.75 16.70 8.90
N MET D 36 8.46 15.64 9.17
CA MET D 36 7.86 14.33 9.43
C MET D 36 7.01 14.35 10.71
N ILE D 37 7.53 14.98 11.76
CA ILE D 37 6.81 15.12 13.05
C ILE D 37 5.54 15.97 12.94
N PHE D 38 5.61 17.07 12.20
CA PHE D 38 4.46 17.96 12.02
C PHE D 38 3.74 17.74 10.70
N PRO D 48 6.03 26.25 9.64
CA PRO D 48 7.38 26.76 9.40
C PRO D 48 8.42 26.08 10.33
N ILE D 49 9.58 25.72 9.78
CA ILE D 49 10.51 24.77 10.43
C ILE D 49 11.02 25.21 11.80
N ASP D 50 11.64 26.38 11.87
CA ASP D 50 12.28 26.84 13.11
C ASP D 50 11.28 27.09 14.25
N VAL D 51 10.06 27.54 13.92
CA VAL D 51 9.02 27.75 14.95
C VAL D 51 8.50 26.41 15.47
N ASN D 52 8.39 25.41 14.61
CA ASN D 52 7.99 24.06 15.01
C ASN D 52 9.07 23.35 15.86
N TYR D 53 10.34 23.54 15.50
CA TYR D 53 11.47 23.06 16.31
C TYR D 53 11.46 23.62 17.74
N GLU D 54 11.19 24.92 17.86
CA GLU D 54 11.03 25.59 19.15
C GLU D 54 9.87 24.99 19.98
N LYS D 55 8.78 24.56 19.35
CA LYS D 55 7.65 23.91 20.08
C LYS D 55 8.02 22.57 20.73
N LEU D 56 9.04 21.89 20.20
CA LEU D 56 9.50 20.64 20.78
C LEU D 56 10.22 20.80 22.14
N LYS D 57 10.74 22.00 22.42
CA LYS D 57 11.47 22.26 23.68
C LYS D 57 12.62 21.26 23.90
N THR D 58 13.24 20.84 22.80
CA THR D 58 14.23 19.76 22.79
C THR D 58 15.44 20.24 21.99
N ASP D 59 16.63 19.90 22.43
CA ASP D 59 17.84 20.14 21.65
C ASP D 59 18.13 18.86 20.86
N ILE D 60 18.14 18.96 19.53
CA ILE D 60 18.29 17.80 18.66
C ILE D 60 19.56 17.91 17.84
N LYS D 61 20.57 17.12 18.17
CA LYS D 61 21.80 17.03 17.37
C LYS D 61 21.78 15.78 16.52
N VAL D 62 22.47 15.81 15.38
CA VAL D 62 22.71 14.61 14.58
C VAL D 62 23.93 13.90 15.15
N VAL D 63 23.80 12.62 15.47
CA VAL D 63 24.93 11.83 15.92
C VAL D 63 25.80 11.50 14.71
N ASP D 64 27.11 11.67 14.84
CA ASP D 64 28.03 11.44 13.74
C ASP D 64 28.08 9.95 13.39
N ARG D 65 27.93 9.64 12.10
CA ARG D 65 27.93 8.26 11.59
C ARG D 65 29.18 7.43 11.94
N ASP D 66 30.36 8.06 12.02
CA ASP D 66 31.59 7.35 12.38
C ASP D 66 31.89 7.28 13.90
N SER D 67 31.10 7.95 14.73
CA SER D 67 31.37 8.00 16.18
C SER D 67 31.16 6.65 16.87
N GLU D 68 31.72 6.52 18.08
CA GLU D 68 31.52 5.34 18.94
C GLU D 68 30.03 5.16 19.27
N GLU D 69 29.33 6.24 19.61
CA GLU D 69 27.89 6.22 19.89
C GLU D 69 27.08 5.58 18.77
N ALA D 70 27.35 6.00 17.54
CA ALA D 70 26.64 5.50 16.36
C ALA D 70 26.95 4.03 16.13
N GLU D 71 28.21 3.62 16.30
CA GLU D 71 28.59 2.21 16.15
C GLU D 71 27.85 1.35 17.18
N ILE D 72 27.79 1.83 18.42
CA ILE D 72 27.07 1.14 19.49
C ILE D 72 25.58 1.02 19.18
N ILE D 73 24.98 2.12 18.75
CA ILE D 73 23.55 2.16 18.45
C ILE D 73 23.22 1.24 17.28
N ARG D 74 24.00 1.26 16.21
CA ARG D 74 23.82 0.33 15.08
C ARG D 74 23.97 -1.14 15.49
N LYS D 75 24.93 -1.44 16.36
CA LYS D 75 25.09 -2.80 16.87
C LYS D 75 23.85 -3.27 17.66
N TYR D 76 23.31 -2.37 18.48
CA TYR D 76 22.09 -2.63 19.24
C TYR D 76 20.90 -2.92 18.31
N VAL D 77 20.80 -2.19 17.20
CA VAL D 77 19.74 -2.42 16.21
C VAL D 77 19.94 -3.73 15.48
N LYS D 78 21.16 -4.02 15.07
CA LYS D 78 21.47 -5.24 14.33
C LYS D 78 21.29 -6.49 15.19
N ASN D 79 21.82 -6.49 16.41
CA ASN D 79 21.82 -7.67 17.25
C ASN D 79 20.49 -8.04 17.89
N THR D 80 19.61 -7.07 18.11
CA THR D 80 18.39 -7.31 18.84
C THR D 80 17.17 -7.30 17.94
N HIS D 81 17.37 -7.55 16.65
CA HIS D 81 16.26 -7.75 15.74
C HIS D 81 15.92 -9.25 15.78
N ALA D 82 14.71 -9.56 16.27
CA ALA D 82 14.32 -10.92 16.58
C ALA D 82 13.89 -11.74 15.37
N THR D 83 13.91 -13.06 15.55
CA THR D 83 13.52 -14.04 14.53
C THR D 83 12.00 -14.21 14.30
N THR D 84 11.19 -13.99 15.33
CA THR D 84 9.72 -13.91 15.21
C THR D 84 9.28 -12.77 14.28
N HIS D 85 10.02 -11.64 14.32
CA HIS D 85 9.66 -10.42 13.61
C HIS D 85 10.37 -10.26 12.27
N ASN D 86 10.43 -11.36 11.51
CA ASN D 86 11.13 -11.42 10.24
C ASN D 86 10.27 -11.00 9.04
N ALA D 87 9.12 -10.40 9.30
CA ALA D 87 8.35 -9.58 8.39
C ALA D 87 9.07 -8.42 7.68
N TYR D 88 10.10 -7.89 8.32
CA TYR D 88 10.88 -6.77 7.81
C TYR D 88 12.31 -6.76 8.31
N ASP D 89 13.19 -6.05 7.59
CA ASP D 89 14.51 -5.65 8.10
C ASP D 89 14.49 -4.17 8.44
N LEU D 90 15.41 -3.77 9.29
CA LEU D 90 15.54 -2.38 9.71
C LEU D 90 16.84 -1.77 9.17
N GLU D 91 16.70 -0.55 8.64
CA GLU D 91 17.85 0.24 8.20
C GLU D 91 17.80 1.54 8.99
N VAL D 92 18.89 1.86 9.70
CA VAL D 92 18.99 3.14 10.40
C VAL D 92 19.28 4.21 9.38
N ILE D 93 18.41 5.21 9.30
CA ILE D 93 18.62 6.35 8.40
C ILE D 93 19.44 7.44 9.10
N ASP D 94 18.89 7.98 10.20
CA ASP D 94 19.52 9.05 10.98
C ASP D 94 19.40 8.77 12.47
N ILE D 95 20.44 9.14 13.22
CA ILE D 95 20.48 8.95 14.67
C ILE D 95 20.56 10.36 15.25
N PHE D 96 19.59 10.72 16.09
CA PHE D 96 19.53 12.04 16.72
C PHE D 96 19.75 11.94 18.21
N LYS D 97 20.63 12.76 18.76
CA LYS D 97 20.80 12.89 20.20
C LYS D 97 19.79 13.93 20.65
N ILE D 98 19.01 13.62 21.67
CA ILE D 98 17.95 14.52 22.14
C ILE D 98 18.10 14.80 23.61
N GLU D 99 17.91 16.06 23.97
CA GLU D 99 17.92 16.50 25.37
C GLU D 99 16.70 17.41 25.50
N ARG D 100 15.65 16.88 26.12
CA ARG D 100 14.46 17.65 26.43
C ARG D 100 14.78 18.62 27.55
N GLU D 101 14.16 19.79 27.49
CA GLU D 101 14.40 20.86 28.43
C GLU D 101 13.85 20.47 29.81
N GLY D 102 14.67 20.65 30.85
CA GLY D 102 14.31 20.30 32.21
C GLY D 102 14.26 18.81 32.57
N GLU D 103 14.45 17.91 31.60
CA GLU D 103 14.33 16.48 31.86
C GLU D 103 15.50 15.95 32.69
N CYS D 104 16.70 16.43 32.41
CA CYS D 104 17.89 16.07 33.23
C CYS D 104 17.69 16.42 34.71
N GLN D 105 17.09 17.58 34.99
CA GLN D 105 16.76 17.98 36.36
C GLN D 105 15.65 17.12 36.98
N ARG D 106 14.62 16.81 36.20
CA ARG D 106 13.53 15.92 36.65
C ARG D 106 14.04 14.51 37.00
N TYR D 107 14.96 14.00 36.17
CA TYR D 107 15.58 12.68 36.33
C TYR D 107 16.65 12.61 37.43
N LYS D 108 17.12 13.74 37.93
CA LYS D 108 18.24 13.80 38.88
C LYS D 108 18.11 12.87 40.09
N PRO D 109 16.91 12.79 40.73
CA PRO D 109 16.74 11.83 41.84
C PRO D 109 17.00 10.36 41.49
N PHE D 110 16.65 9.96 40.27
CA PHE D 110 16.84 8.58 39.82
C PHE D 110 18.21 8.30 39.18
N LYS D 111 19.00 9.32 38.89
CA LYS D 111 20.32 9.13 38.24
C LYS D 111 21.32 8.36 39.12
N GLN D 112 21.18 8.45 40.44
CA GLN D 112 22.02 7.65 41.34
C GLN D 112 21.49 6.22 41.56
N LEU D 113 20.25 5.95 41.13
CA LEU D 113 19.63 4.63 41.30
C LEU D 113 20.34 3.57 40.44
N HIS D 114 20.45 2.36 40.98
CA HIS D 114 21.15 1.27 40.31
C HIS D 114 20.26 0.67 39.21
N ASN D 115 20.89 -0.11 38.33
CA ASN D 115 20.19 -0.76 37.23
C ASN D 115 19.52 0.26 36.29
N ARG D 116 20.32 1.16 35.75
CA ARG D 116 19.84 2.08 34.71
C ARG D 116 20.19 1.45 33.37
N ARG D 117 19.23 1.46 32.44
CA ARG D 117 19.38 0.77 31.17
C ARG D 117 18.91 1.62 30.01
N LEU D 118 19.58 1.45 28.88
CA LEU D 118 19.22 2.12 27.63
C LEU D 118 18.30 1.17 26.87
N LEU D 119 17.03 1.56 26.73
CA LEU D 119 16.01 0.69 26.20
C LEU D 119 15.18 1.40 25.12
N TRP D 120 14.50 0.59 24.30
CA TRP D 120 13.72 1.05 23.17
C TRP D 120 12.30 1.38 23.56
N HIS D 121 11.76 2.42 22.92
CA HIS D 121 10.32 2.72 22.95
C HIS D 121 9.86 3.19 21.57
N GLY D 122 8.97 2.44 20.96
CA GLY D 122 8.42 2.77 19.65
C GLY D 122 7.08 3.46 19.85
N SER D 123 6.73 4.31 18.91
CA SER D 123 5.42 4.94 18.86
C SER D 123 5.10 5.43 17.44
N ARG D 124 3.84 5.71 17.19
CA ARG D 124 3.42 6.33 15.95
C ARG D 124 4.11 7.68 15.75
N THR D 125 4.50 7.95 14.51
CA THR D 125 5.11 9.23 14.12
C THR D 125 4.28 10.43 14.56
N THR D 126 2.95 10.32 14.47
CA THR D 126 2.04 11.39 14.92
C THR D 126 2.12 11.72 16.43
N ASN D 127 2.57 10.80 17.27
CA ASN D 127 2.73 11.08 18.69
C ASN D 127 4.01 11.82 19.05
N PHE D 128 4.97 11.94 18.13
CA PHE D 128 6.30 12.46 18.52
C PHE D 128 6.40 13.95 18.84
N ALA D 129 5.45 14.77 18.36
CA ALA D 129 5.35 16.17 18.80
C ALA D 129 5.06 16.23 20.30
N GLY D 130 4.03 15.52 20.74
CA GLY D 130 3.69 15.43 22.16
C GLY D 130 4.82 14.80 22.97
N ILE D 131 5.37 13.69 22.48
CA ILE D 131 6.41 12.99 23.21
C ILE D 131 7.63 13.87 23.49
N LEU D 132 8.12 14.60 22.50
CA LEU D 132 9.35 15.39 22.68
C LEU D 132 9.12 16.65 23.51
N SER D 133 7.94 17.27 23.38
CA SER D 133 7.61 18.48 24.15
C SER D 133 7.23 18.15 25.60
N GLN D 134 6.46 17.08 25.80
CA GLN D 134 5.95 16.71 27.12
C GLN D 134 6.68 15.56 27.81
N GLY D 135 7.50 14.80 27.08
CA GLY D 135 8.09 13.56 27.61
C GLY D 135 7.14 12.39 27.48
N LEU D 136 7.65 11.18 27.72
CA LEU D 136 6.77 9.99 27.75
C LEU D 136 5.84 10.08 28.93
N ARG D 137 4.54 9.97 28.65
CA ARG D 137 3.53 10.02 29.71
C ARG D 137 2.82 8.70 29.84
N ILE D 138 2.22 8.50 31.01
CA ILE D 138 1.40 7.35 31.29
C ILE D 138 0.02 7.66 30.74
N ALA D 139 -0.59 6.70 30.07
CA ALA D 139 -1.84 6.96 29.38
C ALA D 139 -2.90 7.47 30.38
N PRO D 140 -3.82 8.33 29.91
CA PRO D 140 -4.77 8.95 30.84
C PRO D 140 -5.69 7.94 31.56
N PRO D 141 -6.31 8.34 32.70
CA PRO D 141 -7.30 7.48 33.38
C PRO D 141 -8.42 6.93 32.47
N GLU D 142 -8.81 7.70 31.45
CA GLU D 142 -9.89 7.32 30.55
C GLU D 142 -9.52 6.21 29.56
N ALA D 143 -8.22 6.01 29.29
CA ALA D 143 -7.76 4.89 28.42
C ALA D 143 -8.05 3.52 29.06
N PRO D 144 -8.25 2.47 28.22
CA PRO D 144 -8.75 1.21 28.79
C PRO D 144 -7.66 0.38 29.49
N VAL D 145 -7.99 -0.09 30.68
CA VAL D 145 -7.06 -0.81 31.59
C VAL D 145 -6.71 -2.21 31.05
N THR D 146 -7.69 -2.81 30.39
CA THR D 146 -7.58 -4.17 29.86
C THR D 146 -6.56 -4.42 28.69
N GLY D 147 -6.16 -3.39 27.95
CA GLY D 147 -5.21 -3.57 26.83
C GLY D 147 -3.73 -3.45 27.17
N TYR D 148 -3.39 -3.74 28.43
CA TYR D 148 -2.06 -3.60 28.98
C TYR D 148 -1.56 -4.93 29.52
N MET D 149 -0.34 -5.27 29.19
CA MET D 149 0.28 -6.46 29.74
C MET D 149 0.56 -6.36 31.25
N PHE D 150 1.01 -5.18 31.70
CA PHE D 150 1.44 -4.95 33.08
C PHE D 150 0.98 -3.59 33.63
N GLY D 151 -0.28 -3.23 33.37
CA GLY D 151 -0.87 -1.98 33.87
C GLY D 151 -0.45 -0.72 33.13
N LYS D 152 -0.95 0.40 33.60
CA LYS D 152 -0.67 1.69 32.98
C LYS D 152 0.67 2.22 33.40
N GLY D 153 1.67 1.98 32.56
CA GLY D 153 3.03 2.52 32.77
C GLY D 153 3.60 2.95 31.46
N ILE D 154 4.91 3.14 31.44
CA ILE D 154 5.66 3.45 30.24
C ILE D 154 6.44 2.18 29.93
N TYR D 155 6.21 1.62 28.75
CA TYR D 155 6.77 0.36 28.33
C TYR D 155 8.00 0.53 27.46
N PHE D 156 9.00 -0.34 27.72
CA PHE D 156 10.25 -0.42 26.99
C PHE D 156 10.60 -1.86 26.65
N ALA D 157 11.48 -2.02 25.68
CA ALA D 157 12.03 -3.30 25.27
C ALA D 157 13.54 -3.23 25.13
N ASP D 158 14.19 -4.38 25.25
CA ASP D 158 15.59 -4.54 24.90
C ASP D 158 15.79 -5.12 23.51
N MET D 159 14.71 -5.56 22.86
CA MET D 159 14.73 -6.06 21.49
C MET D 159 14.15 -4.97 20.57
N VAL D 160 14.96 -4.46 19.64
CA VAL D 160 14.50 -3.37 18.77
C VAL D 160 13.23 -3.72 17.98
N SER D 161 13.14 -4.95 17.51
CA SER D 161 11.99 -5.36 16.71
C SER D 161 10.69 -5.39 17.51
N LYS D 162 10.77 -5.63 18.83
CA LYS D 162 9.59 -5.57 19.68
C LYS D 162 9.02 -4.19 19.76
N SER D 163 9.86 -3.20 20.01
CA SER D 163 9.41 -1.80 20.06
C SER D 163 9.10 -1.24 18.67
N ALA D 164 9.84 -1.68 17.66
CA ALA D 164 9.63 -1.20 16.28
C ALA D 164 8.22 -1.52 15.80
N ASN D 165 7.62 -2.62 16.25
CA ASN D 165 6.23 -2.92 15.88
C ASN D 165 5.29 -1.79 16.32
N TYR D 166 5.61 -1.11 17.40
CA TYR D 166 4.78 -0.01 17.93
C TYR D 166 4.90 1.31 17.15
N CYS D 167 5.78 1.34 16.13
CA CYS D 167 5.81 2.43 15.14
C CYS D 167 4.60 2.43 14.23
N HIS D 168 3.97 1.26 14.04
CA HIS D 168 2.80 1.11 13.18
C HIS D 168 3.07 1.61 11.75
N THR D 169 4.25 1.24 11.21
CA THR D 169 4.61 1.50 9.84
C THR D 169 3.94 0.48 8.94
N SER D 170 3.90 0.76 7.64
CA SER D 170 3.17 -0.07 6.67
C SER D 170 3.87 -0.01 5.29
N GLN D 171 3.37 -0.79 4.32
CA GLN D 171 3.89 -0.77 2.97
C GLN D 171 3.86 0.66 2.40
N GLY D 172 2.71 1.32 2.53
CA GLY D 172 2.58 2.71 2.05
C GLY D 172 3.19 3.81 2.92
N ASP D 173 3.77 3.46 4.06
CA ASP D 173 4.37 4.41 4.99
C ASP D 173 5.51 3.71 5.76
N PRO D 174 6.63 3.42 5.09
CA PRO D 174 7.62 2.51 5.70
C PRO D 174 8.74 3.18 6.53
N ILE D 175 8.58 4.44 6.95
CA ILE D 175 9.61 5.10 7.80
C ILE D 175 9.01 5.37 9.16
N GLY D 176 9.68 4.93 10.21
CA GLY D 176 9.20 5.09 11.58
C GLY D 176 10.21 5.81 12.47
N LEU D 177 9.76 6.25 13.63
CA LEU D 177 10.62 6.84 14.65
C LEU D 177 10.61 5.98 15.91
N ILE D 178 11.75 5.87 16.56
CA ILE D 178 11.92 5.03 17.74
C ILE D 178 12.93 5.66 18.71
N LEU D 179 12.62 5.59 20.00
CA LEU D 179 13.41 6.23 21.05
C LEU D 179 14.34 5.26 21.70
N LEU D 180 15.46 5.77 22.18
CA LEU D 180 16.30 5.09 23.17
C LEU D 180 16.24 5.93 24.42
N GLY D 181 15.70 5.34 25.48
CA GLY D 181 15.58 6.01 26.78
C GLY D 181 16.54 5.42 27.79
N GLU D 182 17.16 6.28 28.60
CA GLU D 182 17.78 5.84 29.85
C GLU D 182 16.62 5.66 30.84
N VAL D 183 16.45 4.43 31.32
CA VAL D 183 15.34 4.08 32.23
C VAL D 183 15.95 3.58 33.53
N ALA D 184 15.61 4.27 34.63
CA ALA D 184 16.10 3.91 35.96
C ALA D 184 15.20 2.82 36.54
N LEU D 185 15.64 1.57 36.39
CA LEU D 185 14.79 0.42 36.71
C LEU D 185 14.86 0.01 38.19
N GLY D 186 15.99 0.25 38.85
CA GLY D 186 16.16 -0.13 40.27
C GLY D 186 15.94 -1.62 40.51
N ASN D 187 15.22 -1.92 41.59
CA ASN D 187 14.80 -3.30 41.85
C ASN D 187 13.59 -3.60 41.00
N MET D 188 13.75 -4.62 40.16
CA MET D 188 12.73 -5.02 39.23
C MET D 188 11.87 -6.11 39.86
N TYR D 189 10.56 -5.95 39.74
CA TYR D 189 9.60 -6.98 40.04
C TYR D 189 9.47 -7.82 38.77
N GLU D 190 10.03 -9.03 38.81
CA GLU D 190 10.16 -9.90 37.64
C GLU D 190 9.01 -10.88 37.53
N LEU D 191 8.20 -10.72 36.49
CA LEU D 191 6.99 -11.54 36.31
C LEU D 191 7.08 -12.37 35.03
N LYS D 192 6.33 -13.47 35.01
CA LYS D 192 6.32 -14.44 33.93
C LYS D 192 5.02 -14.46 33.12
N HIS D 193 4.03 -13.66 33.54
CA HIS D 193 2.76 -13.61 32.82
C HIS D 193 2.18 -12.23 33.03
N ALA D 194 1.31 -11.83 32.11
CA ALA D 194 0.57 -10.59 32.23
C ALA D 194 -0.12 -10.54 33.58
N SER D 195 -0.06 -9.38 34.22
CA SER D 195 -0.78 -9.16 35.47
C SER D 195 -1.21 -7.73 35.53
N HIS D 196 -2.43 -7.48 36.00
CA HIS D 196 -2.92 -6.13 36.18
C HIS D 196 -2.32 -5.54 37.46
N ILE D 197 -1.12 -4.97 37.35
CA ILE D 197 -0.45 -4.40 38.48
C ILE D 197 -0.92 -2.94 38.63
N SER D 198 -1.48 -2.62 39.81
CA SER D 198 -1.83 -1.25 40.18
C SER D 198 -0.84 -0.57 41.16
N LYS D 199 0.05 -1.36 41.77
CA LYS D 199 1.07 -0.84 42.70
C LYS D 199 2.24 -1.82 42.81
N LEU D 200 3.42 -1.32 43.10
CA LEU D 200 4.60 -2.17 43.21
C LEU D 200 4.78 -2.72 44.64
N PRO D 201 5.36 -3.94 44.78
CA PRO D 201 5.79 -4.42 46.10
C PRO D 201 6.84 -3.50 46.74
N LYS D 202 6.86 -3.40 48.06
CA LYS D 202 7.82 -2.51 48.71
C LYS D 202 9.27 -2.78 48.31
N GLY D 203 9.99 -1.70 48.02
CA GLY D 203 11.36 -1.77 47.56
C GLY D 203 11.54 -1.89 46.06
N LYS D 204 10.46 -2.16 45.31
CA LYS D 204 10.54 -2.32 43.86
C LYS D 204 10.31 -1.00 43.16
N HIS D 205 11.07 -0.73 42.11
CA HIS D 205 10.96 0.51 41.34
C HIS D 205 10.42 0.34 39.92
N SER D 206 10.33 -0.90 39.45
CA SER D 206 9.89 -1.20 38.11
C SER D 206 9.40 -2.63 38.00
N VAL D 207 8.77 -2.94 36.87
CA VAL D 207 8.41 -4.31 36.50
C VAL D 207 9.18 -4.74 35.28
N LYS D 208 9.64 -5.99 35.28
CA LYS D 208 10.19 -6.61 34.11
C LYS D 208 9.38 -7.86 33.81
N GLY D 209 8.78 -7.92 32.62
CA GLY D 209 8.19 -9.17 32.10
C GLY D 209 9.33 -9.98 31.54
N LEU D 210 9.50 -11.22 31.99
CA LEU D 210 10.62 -12.07 31.57
C LEU D 210 10.28 -12.85 30.29
N GLY D 211 11.06 -12.61 29.22
CA GLY D 211 10.87 -13.31 27.96
C GLY D 211 11.61 -14.63 27.86
N LYS D 212 11.20 -15.47 26.93
CA LYS D 212 11.91 -16.72 26.63
C LYS D 212 13.27 -16.43 25.98
N THR D 213 13.36 -15.33 25.26
CA THR D 213 14.61 -14.95 24.60
C THR D 213 15.04 -13.59 25.12
N THR D 214 16.34 -13.44 25.33
CA THR D 214 16.90 -12.24 25.93
C THR D 214 18.24 -11.93 25.23
N PRO D 215 18.59 -10.64 25.09
CA PRO D 215 19.96 -10.30 24.68
C PRO D 215 20.96 -10.96 25.61
N ASP D 216 22.01 -11.55 25.05
CA ASP D 216 22.99 -12.29 25.83
C ASP D 216 23.59 -11.41 26.94
N PRO D 217 23.30 -11.70 28.22
CA PRO D 217 23.73 -10.80 29.30
C PRO D 217 25.25 -10.64 29.47
N SER D 218 26.02 -11.61 28.98
CA SER D 218 27.49 -11.48 28.95
C SER D 218 28.00 -10.49 27.88
N ALA D 219 27.14 -10.09 26.94
CA ALA D 219 27.50 -9.12 25.89
C ALA D 219 27.14 -7.67 26.23
N ASN D 220 26.60 -7.42 27.43
CA ASN D 220 26.23 -6.06 27.87
C ASN D 220 27.44 -5.13 27.89
N ILE D 221 27.23 -3.89 27.45
CA ILE D 221 28.26 -2.86 27.53
C ILE D 221 27.74 -1.65 28.31
N SER D 222 28.62 -0.72 28.61
CA SER D 222 28.28 0.46 29.38
C SER D 222 28.52 1.72 28.55
N LEU D 223 27.46 2.47 28.26
CA LEU D 223 27.54 3.74 27.53
C LEU D 223 27.16 4.84 28.53
N ASP D 224 28.15 5.68 28.86
CA ASP D 224 28.14 6.50 30.10
C ASP D 224 27.97 5.54 31.30
N GLY D 225 27.12 5.83 32.28
CA GLY D 225 26.86 4.89 33.38
C GLY D 225 25.71 3.90 33.11
N VAL D 226 25.26 3.81 31.87
CA VAL D 226 24.02 3.13 31.53
C VAL D 226 24.32 1.80 30.83
N ASP D 227 23.64 0.74 31.27
CA ASP D 227 23.83 -0.58 30.68
C ASP D 227 23.06 -0.69 29.36
N VAL D 228 23.71 -1.22 28.33
CA VAL D 228 23.11 -1.38 27.00
C VAL D 228 23.08 -2.88 26.68
N PRO D 229 21.86 -3.48 26.67
CA PRO D 229 21.77 -4.93 26.42
C PRO D 229 21.76 -5.26 24.93
N LEU D 230 22.91 -5.11 24.29
CA LEU D 230 23.02 -5.22 22.82
C LEU D 230 23.56 -6.57 22.31
N GLY D 231 23.59 -7.57 23.17
CA GLY D 231 23.92 -8.92 22.74
C GLY D 231 22.85 -9.50 21.83
N THR D 232 23.23 -10.48 21.04
CA THR D 232 22.30 -11.24 20.21
C THR D 232 21.39 -12.11 21.11
N GLY D 233 20.20 -12.43 20.60
CA GLY D 233 19.19 -13.19 21.33
C GLY D 233 19.66 -14.59 21.70
N ILE D 234 19.52 -14.96 22.97
CA ILE D 234 19.66 -16.34 23.42
C ILE D 234 18.44 -16.73 24.26
N SER D 235 18.31 -18.02 24.49
CA SER D 235 17.33 -18.53 25.41
C SER D 235 17.67 -18.03 26.85
N SER D 236 16.67 -17.45 27.52
CA SER D 236 16.85 -16.91 28.85
C SER D 236 17.02 -17.98 29.92
N GLY D 237 16.51 -19.17 29.66
CA GLY D 237 16.48 -20.24 30.67
C GLY D 237 15.36 -20.07 31.70
N VAL D 238 14.45 -19.11 31.43
CA VAL D 238 13.25 -18.92 32.21
C VAL D 238 12.16 -19.74 31.50
N ASN D 239 11.88 -20.89 32.09
CA ASN D 239 10.79 -21.74 31.69
C ASN D 239 9.58 -21.23 32.46
N ASP D 240 8.39 -21.54 31.93
CA ASP D 240 7.13 -21.15 32.52
C ASP D 240 6.73 -19.69 32.24
N THR D 241 7.42 -19.03 31.31
CA THR D 241 7.00 -17.67 30.94
C THR D 241 6.24 -17.68 29.62
N SER D 242 5.26 -16.79 29.55
CA SER D 242 4.37 -16.68 28.38
C SER D 242 4.80 -15.55 27.42
N LEU D 243 5.82 -14.79 27.74
CA LEU D 243 6.33 -13.69 26.89
C LEU D 243 7.46 -14.23 26.01
N LEU D 244 7.48 -13.83 24.75
CA LEU D 244 8.60 -14.18 23.88
C LEU D 244 9.81 -13.32 24.24
N TYR D 245 9.61 -12.04 24.46
CA TYR D 245 10.71 -11.10 24.74
C TYR D 245 10.47 -10.34 26.04
N ASN D 246 11.54 -9.78 26.59
CA ASN D 246 11.44 -8.97 27.78
C ASN D 246 10.62 -7.72 27.52
N GLU D 247 9.96 -7.21 28.54
CA GLU D 247 9.55 -5.81 28.56
C GLU D 247 9.78 -5.23 29.94
N TYR D 248 9.89 -3.91 29.97
CA TYR D 248 10.23 -3.18 31.14
C TYR D 248 9.24 -2.05 31.30
N ILE D 249 8.70 -1.89 32.50
CA ILE D 249 7.67 -0.92 32.75
C ILE D 249 8.03 -0.11 33.98
N VAL D 250 7.82 1.21 33.89
CA VAL D 250 7.96 2.10 35.02
C VAL D 250 6.67 2.90 35.13
N TYR D 251 6.32 3.31 36.35
CA TYR D 251 5.03 3.91 36.66
C TYR D 251 5.17 5.34 37.18
N ASP D 252 6.39 5.87 37.13
CA ASP D 252 6.69 7.26 37.45
C ASP D 252 7.41 7.83 36.21
N ILE D 253 6.88 8.91 35.65
CA ILE D 253 7.43 9.51 34.42
C ILE D 253 8.86 10.01 34.56
N ALA D 254 9.22 10.41 35.78
CA ALA D 254 10.56 10.94 36.09
C ALA D 254 11.66 9.88 36.05
N GLN D 255 11.30 8.60 35.98
CA GLN D 255 12.30 7.54 35.84
C GLN D 255 12.85 7.38 34.40
N VAL D 256 12.41 8.22 33.46
CA VAL D 256 12.83 8.14 32.06
C VAL D 256 13.59 9.40 31.64
N ASN D 257 14.77 9.20 31.05
CA ASN D 257 15.57 10.29 30.48
C ASN D 257 15.83 9.89 29.03
N LEU D 258 15.16 10.55 28.10
CA LEU D 258 15.28 10.24 26.66
C LEU D 258 16.68 10.64 26.21
N LYS D 259 17.28 9.84 25.34
CA LYS D 259 18.66 10.04 24.90
C LYS D 259 18.81 10.14 23.40
N TYR D 260 18.23 9.19 22.66
CA TYR D 260 18.35 9.16 21.21
C TYR D 260 17.01 8.95 20.52
N LEU D 261 16.90 9.46 19.30
CA LEU D 261 15.77 9.26 18.45
C LEU D 261 16.34 8.74 17.15
N LEU D 262 15.89 7.59 16.71
CA LEU D 262 16.31 6.98 15.46
C LEU D 262 15.20 7.06 14.43
N LYS D 263 15.54 7.42 13.21
CA LYS D 263 14.65 7.37 12.06
C LYS D 263 14.98 6.07 11.33
N LEU D 264 14.03 5.14 11.29
CA LEU D 264 14.24 3.81 10.76
C LEU D 264 13.47 3.57 9.48
N LYS D 265 14.10 2.96 8.50
CA LYS D 265 13.42 2.48 7.30
C LYS D 265 13.09 1.00 7.48
N PHE D 266 11.82 0.66 7.26
CA PHE D 266 11.35 -0.72 7.36
C PHE D 266 11.30 -1.31 5.97
N ASN D 267 12.12 -2.33 5.71
CA ASN D 267 12.13 -3.04 4.42
C ASN D 267 11.33 -4.33 4.58
N PHE D 268 10.11 -4.34 4.08
CA PHE D 268 9.18 -5.47 4.31
C PHE D 268 9.50 -6.67 3.43
N LYS D 269 9.26 -7.86 3.95
CA LYS D 269 9.28 -9.11 3.17
C LYS D 269 7.95 -9.32 2.45
N THR D 270 8.01 -9.41 1.12
CA THR D 270 6.83 -9.58 0.24
C THR D 270 5.71 -8.54 0.43
O3 DQV E . 7.29 4.58 -21.09
O3 DQV E . 6.87 6.49 -21.02
C4 DQV E . 4.31 12.49 -22.90
C5 DQV E . 4.66 11.23 -22.40
O4 DQV E . 5.62 3.68 -22.69
O4 DQV E . 7.87 8.72 -21.22
C6 DQV E . 5.70 11.13 -21.48
N1 DQV E . 14.87 6.10 -20.69
C7 DQV E . 3.81 10.04 -22.72
C8 DQV E . 4.25 7.83 -23.42
N2 DQV E . 16.59 6.94 -21.86
C9 DQV E . 5.47 6.95 -23.55
C9 DQV E . 5.44 6.91 -23.51
O5 DQV E . 7.57 4.95 -23.55
O5 DQV E . 8.80 6.84 -22.61
C10 DQV E . 11.18 4.44 -22.30
O6 DQV E . 9.73 5.24 -24.84
O6 DQV E . 7.68 4.84 -23.65
C11 DQV E . 11.59 4.74 -20.90
C12 DQV E . 13.52 5.85 -20.22
N3 DQV E . 19.46 5.88 -21.29
C13 DQV E . 12.48 6.94 -20.50
O7 DQV E . 9.11 6.96 -23.20
O7 DQV E . 9.72 5.82 -24.76
C14 DQV E . 11.19 6.13 -20.37
O8 DQV E . 9.76 4.66 -22.42
C15 DQV E . 15.30 6.97 -21.65
N4 DQV E . 18.44 4.58 -19.66
P1 DQV E . 9.05 5.51 -23.46
O11 DQV E . 10.73 6.01 -19.03
O10 DQV E . 12.56 7.96 -19.51
C19 DQV E . 15.99 5.46 -20.23
N5 DQV E . 16.07 4.52 -19.27
C18 DQV E . 17.33 4.15 -19.05
C17 DQV E . 18.34 5.51 -20.64
C16 DQV E . 17.05 5.99 -20.96
O9 DQV E . 13.03 4.68 -20.84
P DQV E . 6.51 4.83 -22.37
P DQV E . 7.52 7.51 -21.94
O2 DQV E . 5.80 6.26 -22.33
O2 DQV E . 6.61 7.70 -23.22
O1 DQV E . 4.50 8.81 -22.40
C20 DQV E . 3.94 8.63 -24.69
O12 DQV E . 3.04 7.95 -25.54
C21 DQV E . 3.30 9.92 -24.17
O13 DQV E . 1.89 9.88 -24.21
C3 DQV E . 4.98 13.62 -22.47
C2 DQV E . 6.00 13.52 -21.54
C1 DQV E . 6.37 12.28 -21.04
C DQV E . 7.43 12.18 -19.98
O DQV E . 7.63 13.16 -19.22
N DQV E . 8.12 11.02 -19.87
O3 DQV F . 7.73 -11.14 -18.57
O3 DQV F . 4.21 -10.78 -20.65
C4 DQV F . -0.16 -7.23 -16.86
C5 DQV F . 1.00 -7.59 -17.52
O4 DQV F . 5.48 -11.22 -19.58
O4 DQV F . 2.70 -11.42 -18.81
C6 DQV F . 0.91 -8.40 -18.64
N1 DQV F . 4.56 -17.72 -21.92
C7 DQV F . 2.29 -6.92 -17.11
C8 DQV F . 4.41 -7.96 -16.90
N2 DQV F . 3.71 -19.50 -20.84
C9 DQV F . 4.55 -9.46 -17.05
C9 DQV F . 4.54 -9.45 -17.06
O5 DQV F . 5.85 -12.40 -17.38
O5 DQV F . 5.12 -12.16 -18.71
C10 DQV F . 6.92 -14.49 -19.96
C10 DQV F . 6.94 -14.51 -19.96
O6 DQV F . 7.26 -14.49 -16.99
O6 DQV F . 7.37 -10.88 -18.52
C11 DQV F . 6.42 -14.75 -21.36
C12 DQV F . 4.99 -16.36 -22.20
N3 DQV F . 4.25 -22.33 -21.98
C13 DQV F . 4.09 -15.24 -21.69
O7 DQV F . 4.79 -14.60 -16.68
O7 DQV F . 7.06 -13.07 -17.34
C14 DQV F . 5.09 -14.08 -21.74
O8 DQV F . 5.83 -14.40 -19.02
O8 DQV F . 7.15 -13.10 -19.79
C15 DQV F . 3.79 -18.20 -20.89
N4 DQV F . 5.59 -21.24 -23.53
P1 DQV F . 5.89 -13.98 -17.49
P1 DQV F . 6.70 -12.27 -18.54
O11 DQV F . 5.18 -13.57 -23.06
O10 DQV F . 2.99 -15.03 -22.57
C19 DQV F . 4.99 -18.82 -22.59
N5 DQV F . 5.80 -18.85 -23.67
C18 DQV F . 6.03 -20.11 -24.06
C17 DQV F . 4.77 -21.19 -22.46
C16 DQV F . 4.46 -19.92 -21.93
O9 DQV F . 6.23 -16.16 -21.55
P DQV F . 6.22 -11.14 -18.30
P DQV F . 4.08 -11.03 -19.16
O2 DQV F . 5.86 -9.77 -17.58
O2 DQV F . 4.67 -9.73 -18.46
O1 DQV F . 3.41 -7.49 -17.82
C20 DQV F . 4.07 -7.45 -15.50
O12 DQV F . 5.03 -6.48 -15.08
C21 DQV F . 2.62 -6.91 -15.60
O13 DQV F . 2.46 -5.60 -15.07
C3 DQV F . -1.38 -7.65 -17.32
C2 DQV F . -1.46 -8.43 -18.46
C1 DQV F . -0.33 -8.80 -19.15
C DQV F . -0.47 -9.55 -20.47
O DQV F . -1.57 -9.52 -21.07
N DQV F . 0.56 -10.22 -20.93
O3 DQV G . -15.63 2.92 20.33
C4 DQV G . -12.03 -1.22 16.19
C5 DQV G . -12.28 -0.17 17.08
O4 DQV G . -16.07 1.74 18.23
C6 DQV G . -13.36 -0.28 17.96
N1 DQV G . -22.53 4.35 20.36
C7 DQV G . -11.26 0.93 17.20
C8 DQV G . -11.99 3.17 17.35
N2 DQV G . -24.19 3.98 18.90
C9 DQV G . -13.48 3.25 17.12
O5 DQV G . -16.32 4.26 18.24
C10 DQV G . -18.57 6.38 19.72
O6 DQV G . -14.76 6.28 18.67
C11 DQV G . -19.19 5.55 20.82
C12 DQV G . -21.18 4.38 20.95
N3 DQV G . -27.09 4.62 19.72
C13 DQV G . -20.18 3.40 20.36
O7 DQV G . -16.82 6.50 17.24
C14 DQV G . -18.86 4.05 20.79
O8 DQV G . -17.14 6.22 19.69
C15 DQV G . -22.90 3.89 19.13
N4 DQV G . -26.18 5.38 21.71
P1 DQV G . -16.25 5.85 18.42
O11 DQV G . -18.42 3.61 22.08
O10 DQV G . -20.37 2.11 20.94
C19 DQV G . -23.68 4.77 20.98
N5 DQV G . -23.81 5.31 22.20
C18 DQV G . -25.10 5.57 22.47
C17 DQV G . -26.01 4.84 20.48
C16 DQV G . -24.70 4.52 20.07
O9 DQV G . -20.63 5.65 20.75
P DQV G . -15.53 2.99 18.80
O2 DQV G . -14.05 3.38 18.43
O1 DQV G . -11.70 1.97 18.10
C20 DQV G . -11.12 3.12 16.12
O12 DQV G . -9.94 3.90 16.33
C21 DQV G . -10.83 1.62 15.89
O13 DQV G . -9.47 1.34 15.59
C3 DQV G . -12.80 -2.36 16.22
C2 DQV G . -13.84 -2.47 17.11
C1 DQV G . -14.12 -1.45 18.00
C DQV G . -15.17 -1.67 19.04
O DQV G . -15.56 -2.85 19.30
N DQV G . -15.69 -0.59 19.66
O3 DQV H . -0.29 1.73 22.82
O3 DQV H . 1.41 1.12 23.08
C4 DQV H . 6.14 -3.50 25.18
C5 DQV H . 5.11 -2.78 24.58
O4 DQV H . -2.03 0.30 23.79
O4 DQV H . 3.74 1.47 23.94
C6 DQV H . 5.41 -1.59 23.92
N1 DQV H . 2.80 8.61 24.23
C7 DQV H . 3.69 -3.26 24.62
C8 DQV H . 1.59 -2.29 25.07
N2 DQV H . 3.81 9.81 25.84
C9 DQV H . 0.96 -0.92 25.20
C9 DQV H . 0.97 -0.92 25.18
O5 DQV H . -0.54 1.55 25.27
O5 DQV H . 1.76 2.39 25.26
C10 DQV H . 0.07 5.34 24.78
O6 DQV H . -0.29 3.31 27.04
O6 DQV H . -0.64 1.67 25.29
C11 DQV H . 0.70 5.86 23.53
C12 DQV H . 2.35 7.50 23.42
N3 DQV H . 3.64 12.89 25.75
C13 DQV H . 3.09 6.18 23.63
O7 DQV H . 1.74 2.53 25.93
O7 DQV H . 0.21 3.18 27.13
C14 DQV H . 2.03 5.21 23.10
O8 DQV H . -0.11 3.92 24.68
C15 DQV H . 3.58 8.62 25.34
N4 DQV H . 2.28 12.59 23.90
P1 DQV H . 0.29 2.83 25.69
O11 DQV H . 2.06 5.03 21.70
O10 DQV H . 4.29 6.22 22.86
C19 DQV H . 2.51 9.93 23.97
N5 DQV H . 1.77 10.43 22.95
C18 DQV H . 1.71 11.75 23.01
C17 DQV H . 3.02 12.05 24.91
C16 DQV H . 3.13 10.65 24.97
O9 DQV H . 1.01 7.25 23.75
P DQV H . -0.65 0.77 23.90
P DQV H . 2.31 1.25 24.28
O2 DQV H . 0.47 -0.42 23.94
O2 DQV H . 2.09 -0.01 25.21
O1 DQV H . 2.78 -2.19 24.28
C20 DQV H . 2.05 -2.91 26.37
O12 DQV H . 0.99 -3.70 26.92
C21 DQV H . 3.20 -3.84 25.96
O13 DQV H . 2.76 -5.18 25.78
C3 DQV H . 7.44 -3.02 25.15
C2 DQV H . 7.74 -1.84 24.50
C1 DQV H . 6.72 -1.12 23.85
C DQV H . 7.04 0.06 22.99
O DQV H . 8.16 0.14 22.46
N DQV H . 6.08 0.99 22.82
#